data_7LLE
#
_entry.id   7LLE
#
_cell.length_a   71.000
_cell.length_b   74.210
_cell.length_c   181.000
_cell.angle_alpha   90.000
_cell.angle_beta   90.000
_cell.angle_gamma   90.000
#
_symmetry.space_group_name_H-M   'P 21 21 21'
#
loop_
_entity.id
_entity.type
_entity.pdbx_description
1 polymer "C-6' aminotransferase"
2 non-polymer "PYRIDOXAL-5'-PHOSPHATE"
3 water water
#
_entity_poly.entity_id   1
_entity_poly.type   'polypeptide(L)'
_entity_poly.pdbx_seq_one_letter_code
;HMNYRELIERARRTTAAEEYDISGRYPSVIAHAEGAWMTDLSGNRYVDLTGADAAVILGYRHPAVNEAITRQIRDYGTTF
ASTLSVPRVELAERMCERYECAEKVVFHKTGTEGTAMAVRLARAATGRELVLSSGYHGWHEWQMAGEEFGYQQSTGVVGF
GYNEKALAKMLEAFGEQVAGVIVSPEVLYFDLDHYRRMSALCARYDVPFMLDEVYTGFRAGPKGVHGLGVPADVVVLGKG
LANGHSLAAVMGRRDIIDAYDVSGIQGTYTREVPPMAAALAVFEVLDTPGVYEHAEAMGRRLADGMREILTGEGIPNWVG
GPALMFDVVLPNDDLGWEIYKTAHDFGVYFEDSGTQLVTAAFDEAAVDHALTAFRKATRQVVADRPDIAPTSGGELTEER
KLDFAEEAFGGLLRDDERTNALIDETIEKVVNRDRSIKPVLFPAQN
;
_entity_poly.pdbx_strand_id   A,B
#
loop_
_chem_comp.id
_chem_comp.type
_chem_comp.name
_chem_comp.formula
PLP non-polymer PYRIDOXAL-5'-PHOSPHATE 'C8 H10 N O6 P'
#
# COMPACT_ATOMS: atom_id res chain seq x y z
N HIS A 1 -17.97 -17.10 -11.55
CA HIS A 1 -17.98 -17.38 -12.98
C HIS A 1 -19.15 -16.72 -13.72
N MET A 2 -19.85 -17.53 -14.52
CA MET A 2 -20.44 -17.04 -15.77
C MET A 2 -21.45 -15.91 -15.56
N ASN A 3 -22.42 -16.06 -14.66
CA ASN A 3 -23.35 -14.93 -14.49
C ASN A 3 -23.23 -14.32 -13.09
N TYR A 4 -23.96 -13.20 -12.90
CA TYR A 4 -23.82 -12.40 -11.68
C TYR A 4 -24.15 -13.20 -10.44
N ARG A 5 -25.30 -13.88 -10.44
CA ARG A 5 -25.70 -14.66 -9.27
C ARG A 5 -24.65 -15.71 -8.93
N GLU A 6 -24.07 -16.35 -9.94
CA GLU A 6 -23.04 -17.35 -9.65
C GLU A 6 -21.81 -16.70 -9.05
N LEU A 7 -21.38 -15.57 -9.61
CA LEU A 7 -20.14 -14.97 -9.14
CA LEU A 7 -20.14 -14.97 -9.15
C LEU A 7 -20.26 -14.45 -7.72
N ILE A 8 -21.37 -13.77 -7.40
CA ILE A 8 -21.46 -13.23 -6.04
C ILE A 8 -21.59 -14.36 -5.02
N GLU A 9 -22.25 -15.47 -5.38
CA GLU A 9 -22.31 -16.58 -4.43
C GLU A 9 -20.93 -17.17 -4.21
N ARG A 10 -20.19 -17.42 -5.30
CA ARG A 10 -18.82 -17.89 -5.14
C ARG A 10 -17.96 -16.88 -4.38
N ALA A 11 -18.21 -15.59 -4.59
CA ALA A 11 -17.42 -14.56 -3.90
C ALA A 11 -17.77 -14.50 -2.43
N ARG A 12 -19.07 -14.58 -2.09
CA ARG A 12 -19.46 -14.60 -0.68
C ARG A 12 -18.76 -15.72 0.08
N ARG A 13 -18.57 -16.87 -0.57
CA ARG A 13 -17.95 -17.99 0.12
C ARG A 13 -16.47 -17.78 0.39
N THR A 14 -15.77 -17.02 -0.47
CA THR A 14 -14.30 -17.00 -0.44
C THR A 14 -13.61 -15.64 -0.37
N THR A 15 -14.28 -14.51 -0.67
CA THR A 15 -13.49 -13.28 -0.73
C THR A 15 -14.28 -12.01 -0.46
N ALA A 16 -15.59 -12.02 -0.66
CA ALA A 16 -16.35 -10.78 -0.71
C ALA A 16 -16.64 -10.20 0.67
N ALA A 17 -16.38 -8.91 0.83
CA ALA A 17 -16.97 -8.15 1.93
C ALA A 17 -18.38 -7.77 1.52
N GLU A 18 -19.37 -8.23 2.29
CA GLU A 18 -20.75 -8.22 1.82
C GLU A 18 -21.18 -6.84 1.34
N GLU A 19 -20.95 -5.82 2.15
CA GLU A 19 -21.44 -4.50 1.75
C GLU A 19 -20.49 -3.85 0.75
N TYR A 20 -19.20 -3.81 1.07
CA TYR A 20 -18.25 -3.10 0.22
C TYR A 20 -18.19 -3.70 -1.18
N ASP A 21 -18.24 -5.03 -1.28
CA ASP A 21 -18.04 -5.70 -2.57
C ASP A 21 -19.34 -6.03 -3.29
N ILE A 22 -20.45 -6.21 -2.60
CA ILE A 22 -21.66 -6.73 -3.25
C ILE A 22 -22.87 -5.81 -3.05
N SER A 23 -23.37 -5.72 -1.82
CA SER A 23 -24.65 -5.05 -1.61
CA SER A 23 -24.66 -5.05 -1.62
C SER A 23 -24.56 -3.54 -1.79
N GLY A 24 -23.38 -2.96 -1.58
CA GLY A 24 -23.18 -1.54 -1.81
C GLY A 24 -22.92 -1.15 -3.24
N ARG A 25 -22.89 -2.11 -4.16
CA ARG A 25 -22.54 -1.85 -5.55
C ARG A 25 -23.68 -2.30 -6.46
N TYR A 26 -23.64 -1.83 -7.71
CA TYR A 26 -24.67 -2.21 -8.66
C TYR A 26 -24.65 -3.72 -8.87
N PRO A 27 -25.79 -4.31 -9.27
CA PRO A 27 -25.90 -5.78 -9.44
C PRO A 27 -25.34 -6.27 -10.78
N SER A 28 -24.07 -5.96 -11.02
CA SER A 28 -23.37 -6.55 -12.16
C SER A 28 -21.89 -6.59 -11.80
N VAL A 29 -21.14 -7.43 -12.52
CA VAL A 29 -19.69 -7.50 -12.38
C VAL A 29 -19.08 -7.34 -13.77
N ILE A 30 -18.05 -6.51 -13.88
CA ILE A 30 -17.47 -6.23 -15.18
C ILE A 30 -16.51 -7.34 -15.58
N ALA A 31 -16.67 -7.83 -16.82
CA ALA A 31 -15.77 -8.81 -17.42
C ALA A 31 -14.68 -8.16 -18.26
N HIS A 32 -15.03 -7.16 -19.07
CA HIS A 32 -14.03 -6.48 -19.87
C HIS A 32 -14.53 -5.07 -20.15
N ALA A 33 -13.62 -4.19 -20.54
CA ALA A 33 -14.00 -2.81 -20.75
C ALA A 33 -13.03 -2.18 -21.76
N GLU A 34 -13.51 -1.13 -22.43
CA GLU A 34 -12.69 -0.47 -23.44
C GLU A 34 -13.22 0.94 -23.62
N GLY A 35 -12.34 1.92 -23.51
CA GLY A 35 -12.77 3.30 -23.68
C GLY A 35 -13.72 3.68 -22.55
N ALA A 36 -14.87 4.24 -22.92
CA ALA A 36 -15.88 4.68 -21.96
C ALA A 36 -16.81 3.55 -21.53
N TRP A 37 -16.68 2.35 -22.09
CA TRP A 37 -17.70 1.32 -21.96
C TRP A 37 -17.18 0.10 -21.22
N MET A 38 -18.08 -0.52 -20.46
CA MET A 38 -17.82 -1.76 -19.74
C MET A 38 -18.86 -2.79 -20.13
N THR A 39 -18.45 -4.07 -20.10
CA THR A 39 -19.33 -5.19 -20.42
C THR A 39 -19.35 -6.15 -19.23
N ASP A 40 -20.55 -6.55 -18.79
CA ASP A 40 -20.64 -7.39 -17.62
C ASP A 40 -20.58 -8.87 -18.02
N LEU A 41 -20.84 -9.76 -17.06
CA LEU A 41 -20.62 -11.19 -17.27
C LEU A 41 -21.62 -11.78 -18.26
N SER A 42 -22.75 -11.11 -18.45
CA SER A 42 -23.77 -11.57 -19.38
C SER A 42 -23.79 -10.77 -20.66
N GLY A 43 -22.80 -9.90 -20.88
CA GLY A 43 -22.68 -9.16 -22.12
C GLY A 43 -23.44 -7.84 -22.17
N ASN A 44 -24.08 -7.43 -21.07
CA ASN A 44 -24.68 -6.11 -21.03
C ASN A 44 -23.61 -5.02 -21.04
N ARG A 45 -23.90 -3.91 -21.70
CA ARG A 45 -22.95 -2.81 -21.85
C ARG A 45 -23.35 -1.63 -20.97
N TYR A 46 -22.34 -0.93 -20.46
CA TYR A 46 -22.55 0.23 -19.59
C TYR A 46 -21.52 1.32 -19.89
N VAL A 47 -21.98 2.57 -19.96
CA VAL A 47 -21.06 3.70 -19.88
C VAL A 47 -20.61 3.85 -18.44
N ASP A 48 -19.30 3.90 -18.21
CA ASP A 48 -18.77 4.09 -16.87
C ASP A 48 -18.65 5.59 -16.59
N LEU A 49 -19.32 6.05 -15.54
CA LEU A 49 -19.11 7.40 -15.05
C LEU A 49 -18.50 7.40 -13.65
N THR A 50 -17.96 6.27 -13.21
CA THR A 50 -17.23 6.23 -11.96
C THR A 50 -15.73 6.35 -12.14
N GLY A 51 -15.24 6.32 -13.38
CA GLY A 51 -13.80 6.29 -13.60
C GLY A 51 -13.09 5.14 -12.92
N ALA A 52 -13.71 3.97 -12.88
CA ALA A 52 -13.23 2.85 -12.06
C ALA A 52 -12.96 3.34 -10.64
N ASP A 53 -13.96 4.00 -10.06
CA ASP A 53 -13.83 4.72 -8.80
C ASP A 53 -12.59 5.62 -8.79
N ALA A 54 -12.46 6.38 -9.87
CA ALA A 54 -11.44 7.40 -10.15
C ALA A 54 -10.06 6.83 -10.49
N ALA A 55 -9.87 5.51 -10.48
CA ALA A 55 -8.55 4.97 -10.85
C ALA A 55 -8.18 5.27 -12.30
N VAL A 56 -9.17 5.46 -13.16
CA VAL A 56 -8.99 5.56 -14.60
C VAL A 56 -9.27 6.99 -15.03
N ILE A 57 -8.39 7.55 -15.87
CA ILE A 57 -8.53 8.91 -16.37
C ILE A 57 -8.63 8.96 -17.89
N LEU A 58 -7.91 8.09 -18.61
CA LEU A 58 -7.96 8.11 -20.07
C LEU A 58 -9.06 7.25 -20.64
N GLY A 59 -9.45 6.19 -19.93
CA GLY A 59 -10.35 5.20 -20.49
C GLY A 59 -9.80 3.79 -20.32
N TYR A 60 -10.66 2.79 -20.45
CA TYR A 60 -10.23 1.42 -20.27
C TYR A 60 -9.39 0.95 -21.47
N ARG A 61 -8.36 0.14 -21.17
CA ARG A 61 -7.48 -0.43 -22.19
C ARG A 61 -7.06 0.63 -23.20
N HIS A 62 -6.58 1.75 -22.70
CA HIS A 62 -6.07 2.77 -23.59
C HIS A 62 -4.87 2.20 -24.35
N PRO A 63 -4.82 2.36 -25.68
CA PRO A 63 -3.76 1.68 -26.45
C PRO A 63 -2.35 2.11 -26.09
N ALA A 64 -2.12 3.40 -25.84
CA ALA A 64 -0.76 3.83 -25.49
C ALA A 64 -0.32 3.28 -24.15
N VAL A 65 -1.24 3.22 -23.18
CA VAL A 65 -0.92 2.66 -21.88
C VAL A 65 -0.72 1.15 -21.98
N ASN A 66 -1.63 0.47 -22.68
CA ASN A 66 -1.45 -0.97 -22.90
C ASN A 66 -0.10 -1.29 -23.53
N GLU A 67 0.30 -0.51 -24.54
CA GLU A 67 1.55 -0.79 -25.22
C GLU A 67 2.73 -0.57 -24.29
N ALA A 68 2.73 0.57 -23.58
CA ALA A 68 3.85 0.89 -22.69
C ALA A 68 4.02 -0.17 -21.61
N ILE A 69 2.93 -0.59 -20.98
CA ILE A 69 3.07 -1.52 -19.85
C ILE A 69 3.39 -2.93 -20.33
N THR A 70 2.80 -3.37 -21.45
CA THR A 70 3.08 -4.70 -21.99
CA THR A 70 3.10 -4.71 -21.92
C THR A 70 4.53 -4.80 -22.42
N ARG A 71 5.04 -3.75 -23.07
CA ARG A 71 6.43 -3.76 -23.51
C ARG A 71 7.37 -3.87 -22.32
N GLN A 72 7.11 -3.15 -21.23
CA GLN A 72 8.00 -3.27 -20.08
C GLN A 72 7.97 -4.70 -19.52
N ILE A 73 6.77 -5.25 -19.35
CA ILE A 73 6.61 -6.58 -18.75
C ILE A 73 7.27 -7.64 -19.62
N ARG A 74 7.02 -7.58 -20.93
CA ARG A 74 7.44 -8.65 -21.82
C ARG A 74 8.90 -8.55 -22.24
N ASP A 75 9.39 -7.33 -22.51
CA ASP A 75 10.69 -7.19 -23.14
C ASP A 75 11.79 -6.80 -22.17
N TYR A 76 11.46 -6.46 -20.91
CA TYR A 76 12.51 -6.06 -19.97
C TYR A 76 12.36 -6.75 -18.62
N GLY A 77 11.21 -6.56 -17.98
CA GLY A 77 10.95 -7.15 -16.68
C GLY A 77 10.14 -6.22 -15.79
N THR A 78 9.75 -6.72 -14.61
CA THR A 78 8.77 -6.04 -13.77
C THR A 78 9.42 -5.42 -12.53
N THR A 79 10.01 -6.22 -11.67
CA THR A 79 10.58 -5.75 -10.41
C THR A 79 11.99 -6.31 -10.31
N PHE A 80 12.99 -5.42 -10.35
CA PHE A 80 14.39 -5.84 -10.43
C PHE A 80 15.09 -5.78 -9.08
N ALA A 81 16.31 -6.32 -9.05
CA ALA A 81 17.12 -6.23 -7.83
C ALA A 81 17.54 -4.80 -7.54
N SER A 82 17.65 -3.94 -8.55
CA SER A 82 17.92 -2.53 -8.32
C SER A 82 16.59 -1.80 -8.12
N THR A 83 16.61 -0.79 -7.25
CA THR A 83 15.40 0.03 -7.07
C THR A 83 15.30 1.11 -8.13
N LEU A 84 16.44 1.60 -8.61
CA LEU A 84 16.43 2.51 -9.74
C LEU A 84 16.20 1.72 -11.02
N SER A 85 15.62 2.40 -12.01
CA SER A 85 15.43 1.86 -13.35
C SER A 85 15.37 3.03 -14.32
N VAL A 86 15.55 2.75 -15.61
CA VAL A 86 15.43 3.82 -16.60
C VAL A 86 14.03 4.43 -16.60
N PRO A 87 12.94 3.65 -16.63
CA PRO A 87 11.62 4.29 -16.57
C PRO A 87 11.39 5.08 -15.29
N ARG A 88 11.92 4.63 -14.15
CA ARG A 88 11.75 5.43 -12.94
C ARG A 88 12.37 6.81 -13.08
N VAL A 89 13.58 6.87 -13.64
CA VAL A 89 14.26 8.15 -13.75
C VAL A 89 13.57 9.02 -14.80
N GLU A 90 13.17 8.45 -15.93
CA GLU A 90 12.48 9.24 -16.94
C GLU A 90 11.14 9.76 -16.43
N LEU A 91 10.43 8.94 -15.63
CA LEU A 91 9.16 9.40 -15.08
C LEU A 91 9.39 10.52 -14.07
N ALA A 92 10.37 10.34 -13.17
CA ALA A 92 10.70 11.40 -12.22
C ALA A 92 11.13 12.67 -12.93
N GLU A 93 11.96 12.56 -13.97
CA GLU A 93 12.38 13.75 -14.69
C GLU A 93 11.18 14.46 -15.31
N ARG A 94 10.24 13.70 -15.87
CA ARG A 94 9.06 14.31 -16.46
C ARG A 94 8.22 15.03 -15.41
N MET A 95 8.05 14.40 -14.24
CA MET A 95 7.21 14.99 -13.21
C MET A 95 7.87 16.23 -12.61
N CYS A 96 9.19 16.21 -12.43
CA CYS A 96 9.87 17.39 -11.92
C CYS A 96 9.76 18.55 -12.89
N GLU A 97 9.83 18.27 -14.19
CA GLU A 97 9.65 19.35 -15.16
C GLU A 97 8.21 19.84 -15.18
N ARG A 98 7.26 18.94 -14.98
CA ARG A 98 5.85 19.23 -15.19
C ARG A 98 5.25 20.06 -14.06
N TYR A 99 5.77 19.94 -12.84
CA TYR A 99 5.12 20.50 -11.65
C TYR A 99 6.05 21.44 -10.91
N GLU A 100 5.52 22.60 -10.53
CA GLU A 100 6.34 23.60 -9.85
C GLU A 100 6.87 23.11 -8.52
N CYS A 101 6.06 22.39 -7.75
CA CYS A 101 6.55 22.00 -6.44
C CYS A 101 7.47 20.80 -6.51
N ALA A 102 7.55 20.11 -7.64
CA ALA A 102 8.30 18.86 -7.75
C ALA A 102 9.78 19.13 -7.96
N GLU A 103 10.56 19.00 -6.89
CA GLU A 103 12.03 18.98 -6.99
C GLU A 103 12.56 17.55 -7.00
N LYS A 104 11.94 16.66 -6.23
CA LYS A 104 12.19 15.23 -6.33
C LYS A 104 10.85 14.53 -6.19
N VAL A 105 10.79 13.26 -6.61
CA VAL A 105 9.55 12.49 -6.49
C VAL A 105 9.89 11.04 -6.20
N VAL A 106 9.11 10.44 -5.30
CA VAL A 106 9.23 9.03 -4.96
C VAL A 106 7.87 8.37 -5.15
N PHE A 107 7.88 7.04 -5.29
CA PHE A 107 6.71 6.30 -5.74
C PHE A 107 6.26 5.26 -4.71
N HIS A 108 4.97 4.95 -4.76
CA HIS A 108 4.47 3.82 -4.00
C HIS A 108 3.30 3.22 -4.77
N LYS A 109 2.56 2.34 -4.09
CA LYS A 109 1.50 1.58 -4.75
C LYS A 109 0.12 2.19 -4.58
N THR A 110 -0.16 2.78 -3.42
CA THR A 110 -1.52 3.24 -3.11
C THR A 110 -1.46 4.68 -2.61
N GLY A 111 -2.60 5.38 -2.77
CA GLY A 111 -2.68 6.74 -2.25
C GLY A 111 -2.66 6.78 -0.75
N THR A 112 -3.23 5.76 -0.10
CA THR A 112 -3.16 5.66 1.36
C THR A 112 -1.70 5.63 1.84
N GLU A 113 -0.88 4.83 1.17
CA GLU A 113 0.55 4.79 1.48
CA GLU A 113 0.54 4.81 1.52
C GLU A 113 1.24 6.08 1.06
N GLY A 114 0.80 6.66 -0.06
CA GLY A 114 1.34 7.94 -0.49
C GLY A 114 1.16 9.04 0.55
N THR A 115 -0.05 9.19 1.08
CA THR A 115 -0.24 10.26 2.07
C THR A 115 0.45 9.93 3.39
N ALA A 116 0.52 8.63 3.73
CA ALA A 116 1.32 8.26 4.90
C ALA A 116 2.79 8.62 4.67
N MET A 117 3.30 8.42 3.45
CA MET A 117 4.67 8.85 3.18
C MET A 117 4.83 10.36 3.34
N ALA A 118 3.89 11.14 2.82
CA ALA A 118 4.02 12.60 2.92
C ALA A 118 4.11 13.05 4.37
N VAL A 119 3.27 12.48 5.24
CA VAL A 119 3.29 12.87 6.65
C VAL A 119 4.57 12.38 7.32
N ARG A 120 5.00 11.16 7.00
CA ARG A 120 6.25 10.62 7.53
C ARG A 120 7.45 11.47 7.13
N LEU A 121 7.50 11.90 5.86
CA LEU A 121 8.59 12.74 5.38
C LEU A 121 8.55 14.12 6.01
N ALA A 122 7.36 14.71 6.15
CA ALA A 122 7.29 16.03 6.78
C ALA A 122 7.76 15.97 8.23
N ARG A 123 7.34 14.94 8.97
CA ARG A 123 7.81 14.80 10.35
C ARG A 123 9.31 14.58 10.41
N ALA A 124 9.85 13.76 9.50
CA ALA A 124 11.28 13.47 9.51
C ALA A 124 12.10 14.69 9.12
N ALA A 125 11.58 15.48 8.18
CA ALA A 125 12.31 16.66 7.71
C ALA A 125 12.28 17.77 8.75
N THR A 126 11.15 17.96 9.43
CA THR A 126 11.01 19.05 10.39
C THR A 126 11.37 18.68 11.82
N GLY A 127 11.37 17.38 12.15
CA GLY A 127 11.53 16.98 13.53
C GLY A 127 10.38 17.37 14.45
N ARG A 128 9.22 17.71 13.89
CA ARG A 128 8.06 18.14 14.66
C ARG A 128 6.99 17.05 14.68
N GLU A 129 6.07 17.17 15.63
CA GLU A 129 5.17 16.08 16.02
C GLU A 129 3.83 16.09 15.31
N LEU A 130 3.17 17.26 15.26
CA LEU A 130 1.75 17.35 14.91
C LEU A 130 1.54 17.55 13.42
N VAL A 131 0.40 17.05 12.95
CA VAL A 131 -0.05 17.23 11.58
C VAL A 131 -1.47 17.77 11.63
N LEU A 132 -1.76 18.82 10.86
CA LEU A 132 -3.12 19.30 10.72
C LEU A 132 -3.71 18.75 9.42
N SER A 133 -4.98 18.31 9.46
CA SER A 133 -5.52 17.58 8.33
C SER A 133 -6.93 18.04 7.98
N SER A 134 -7.22 18.03 6.68
CA SER A 134 -8.59 18.14 6.20
C SER A 134 -8.78 17.13 5.07
N GLY A 135 -9.88 16.39 5.10
CA GLY A 135 -10.21 15.53 3.98
C GLY A 135 -9.72 14.10 4.16
N TYR A 136 -10.33 13.21 3.36
CA TYR A 136 -9.92 11.81 3.30
C TYR A 136 -8.50 11.68 2.78
N HIS A 137 -7.69 10.85 3.47
CA HIS A 137 -6.34 10.54 3.00
C HIS A 137 -6.06 9.06 2.90
N GLY A 138 -7.02 8.20 3.26
CA GLY A 138 -6.79 6.77 3.24
C GLY A 138 -7.48 6.07 4.39
N TRP A 139 -7.25 4.77 4.53
CA TRP A 139 -8.06 3.97 5.43
C TRP A 139 -7.36 3.65 6.75
N HIS A 140 -6.15 4.16 6.99
CA HIS A 140 -5.58 4.01 8.31
C HIS A 140 -6.34 4.86 9.33
N GLU A 141 -6.31 4.40 10.59
CA GLU A 141 -7.11 5.05 11.61
C GLU A 141 -6.75 6.52 11.76
N TRP A 142 -5.45 6.84 11.74
CA TRP A 142 -5.09 8.24 11.92
C TRP A 142 -5.61 9.10 10.79
N GLN A 143 -5.67 8.55 9.58
CA GLN A 143 -6.21 9.28 8.45
C GLN A 143 -7.70 9.50 8.61
N MET A 144 -8.45 8.43 8.92
CA MET A 144 -9.90 8.55 9.06
C MET A 144 -10.28 9.44 10.23
N ALA A 145 -9.57 9.33 11.36
CA ALA A 145 -9.90 10.20 12.48
C ALA A 145 -9.60 11.67 12.17
N GLY A 146 -8.60 11.94 11.34
CA GLY A 146 -8.29 13.31 10.98
C GLY A 146 -9.34 13.98 10.10
N GLU A 147 -10.30 13.22 9.57
CA GLU A 147 -11.38 13.84 8.82
C GLU A 147 -12.37 14.54 9.73
N GLU A 148 -12.36 14.22 11.01
CA GLU A 148 -13.22 14.85 12.00
C GLU A 148 -12.47 16.02 12.63
N PHE A 149 -13.17 17.14 12.85
CA PHE A 149 -12.55 18.22 13.60
C PHE A 149 -12.15 17.76 15.00
N GLY A 150 -10.91 18.01 15.38
CA GLY A 150 -10.47 17.69 16.73
C GLY A 150 -9.07 17.12 16.77
N TYR A 151 -8.57 16.81 17.96
CA TYR A 151 -7.20 16.35 18.14
C TYR A 151 -7.19 14.94 18.73
N GLN A 152 -6.36 14.07 18.17
CA GLN A 152 -6.10 12.74 18.72
C GLN A 152 -4.64 12.66 19.14
N GLN A 153 -4.38 12.66 20.45
CA GLN A 153 -3.00 12.69 20.92
C GLN A 153 -2.22 11.44 20.52
N SER A 154 -2.90 10.29 20.43
CA SER A 154 -2.21 9.04 20.10
CA SER A 154 -2.18 9.05 20.11
C SER A 154 -1.69 9.00 18.67
N THR A 155 -2.25 9.82 17.77
CA THR A 155 -1.76 9.88 16.40
C THR A 155 -1.01 11.16 16.09
N GLY A 156 -1.16 12.20 16.91
CA GLY A 156 -0.58 13.49 16.62
C GLY A 156 -1.24 14.24 15.49
N VAL A 157 -2.52 13.96 15.20
CA VAL A 157 -3.21 14.59 14.08
C VAL A 157 -4.35 15.44 14.62
N VAL A 158 -4.46 16.67 14.11
CA VAL A 158 -5.57 17.57 14.41
C VAL A 158 -6.35 17.79 13.13
N GLY A 159 -7.62 17.37 13.11
CA GLY A 159 -8.48 17.69 11.99
C GLY A 159 -9.00 19.11 12.14
N PHE A 160 -8.97 19.90 11.07
CA PHE A 160 -9.46 21.27 11.15
C PHE A 160 -10.58 21.58 10.16
N GLY A 161 -11.13 20.58 9.49
CA GLY A 161 -12.42 20.72 8.81
C GLY A 161 -12.46 21.81 7.76
N TYR A 162 -11.35 22.02 7.06
CA TYR A 162 -11.22 23.00 5.98
C TYR A 162 -11.39 24.44 6.48
N ASN A 163 -11.39 24.66 7.79
CA ASN A 163 -11.76 25.93 8.36
C ASN A 163 -10.54 26.84 8.50
N GLU A 164 -10.55 27.97 7.77
CA GLU A 164 -9.38 28.86 7.75
C GLU A 164 -9.19 29.57 9.09
N LYS A 165 -10.29 29.98 9.72
CA LYS A 165 -10.20 30.54 11.07
C LYS A 165 -9.53 29.55 12.01
N ALA A 166 -9.92 28.29 11.94
CA ALA A 166 -9.30 27.27 12.78
C ALA A 166 -7.82 27.11 12.44
N LEU A 167 -7.49 27.05 11.15
CA LEU A 167 -6.10 26.86 10.74
C LEU A 167 -5.22 27.98 11.25
N ALA A 168 -5.69 29.23 11.10
CA ALA A 168 -4.87 30.36 11.51
C ALA A 168 -4.65 30.36 13.02
N LYS A 169 -5.71 30.05 13.78
CA LYS A 169 -5.56 30.02 15.24
C LYS A 169 -4.71 28.84 15.71
N MET A 170 -4.80 27.68 15.02
CA MET A 170 -3.95 26.56 15.38
C MET A 170 -2.48 26.88 15.16
N LEU A 171 -2.16 27.42 13.99
CA LEU A 171 -0.76 27.76 13.70
C LEU A 171 -0.24 28.80 14.67
N GLU A 172 -1.07 29.78 15.03
CA GLU A 172 -0.64 30.77 16.01
C GLU A 172 -0.35 30.11 17.36
N ALA A 173 -1.21 29.19 17.78
CA ALA A 173 -1.15 28.68 19.16
C ALA A 173 -0.06 27.63 19.34
N PHE A 174 0.15 26.76 18.34
CA PHE A 174 1.11 25.68 18.50
C PHE A 174 1.83 25.33 17.20
N GLY A 175 1.95 26.29 16.27
CA GLY A 175 2.53 26.00 14.96
C GLY A 175 3.98 25.53 15.02
N GLU A 176 4.70 25.87 16.09
CA GLU A 176 6.07 25.40 16.24
C GLU A 176 6.13 23.90 16.45
N GLN A 177 5.00 23.26 16.75
CA GLN A 177 4.92 21.82 16.91
C GLN A 177 4.39 21.11 15.67
N VAL A 178 4.10 21.83 14.59
CA VAL A 178 3.37 21.29 13.45
C VAL A 178 4.34 20.94 12.33
N ALA A 179 4.40 19.64 12.02
CA ALA A 179 5.25 19.12 10.96
C ALA A 179 4.69 19.41 9.57
N GLY A 180 3.38 19.56 9.45
CA GLY A 180 2.81 19.75 8.13
C GLY A 180 1.30 19.82 8.19
N VAL A 181 0.73 20.35 7.11
CA VAL A 181 -0.70 20.46 6.91
C VAL A 181 -1.01 19.70 5.62
N ILE A 182 -1.92 18.73 5.70
CA ILE A 182 -2.23 17.90 4.54
C ILE A 182 -3.72 18.01 4.26
N VAL A 183 -4.06 18.42 3.05
CA VAL A 183 -5.42 18.79 2.69
C VAL A 183 -5.79 18.14 1.37
N SER A 184 -6.93 17.45 1.35
CA SER A 184 -7.49 16.96 0.09
C SER A 184 -8.41 18.05 -0.47
N PRO A 185 -8.11 18.60 -1.65
CA PRO A 185 -8.87 19.77 -2.10
C PRO A 185 -10.33 19.42 -2.37
N GLU A 186 -11.22 20.24 -1.83
CA GLU A 186 -12.64 20.20 -2.14
C GLU A 186 -12.92 21.46 -2.93
N VAL A 187 -13.37 21.31 -4.18
CA VAL A 187 -13.46 22.47 -5.07
C VAL A 187 -14.89 22.70 -5.54
N LEU A 188 -15.88 22.12 -4.86
CA LEU A 188 -17.25 22.54 -5.08
C LEU A 188 -17.62 23.68 -4.14
N TYR A 189 -17.38 23.51 -2.84
CA TYR A 189 -17.70 24.52 -1.85
C TYR A 189 -16.64 25.60 -1.73
N PHE A 190 -15.40 25.29 -2.09
CA PHE A 190 -14.29 26.23 -1.95
C PHE A 190 -13.69 26.52 -3.32
N ASP A 191 -13.12 27.72 -3.47
CA ASP A 191 -12.41 28.05 -4.68
C ASP A 191 -10.91 27.92 -4.44
N LEU A 192 -10.13 28.15 -5.50
CA LEU A 192 -8.68 27.98 -5.40
C LEU A 192 -8.07 28.94 -4.39
N ASP A 193 -8.66 30.14 -4.24
CA ASP A 193 -8.13 31.12 -3.31
C ASP A 193 -8.17 30.61 -1.88
N HIS A 194 -9.14 29.74 -1.54
CA HIS A 194 -9.17 29.13 -0.22
C HIS A 194 -7.89 28.37 0.05
N TYR A 195 -7.42 27.61 -0.93
CA TYR A 195 -6.22 26.79 -0.71
C TYR A 195 -4.96 27.64 -0.83
N ARG A 196 -4.97 28.68 -1.68
CA ARG A 196 -3.86 29.61 -1.67
C ARG A 196 -3.71 30.26 -0.30
N ARG A 197 -4.83 30.61 0.35
CA ARG A 197 -4.73 31.21 1.67
C ARG A 197 -4.22 30.22 2.71
N MET A 198 -4.64 28.95 2.63
CA MET A 198 -4.06 27.91 3.48
C MET A 198 -2.55 27.85 3.29
N SER A 199 -2.12 27.75 2.03
CA SER A 199 -0.71 27.60 1.74
C SER A 199 0.09 28.79 2.27
N ALA A 200 -0.48 30.00 2.15
CA ALA A 200 0.18 31.21 2.63
C ALA A 200 0.29 31.24 4.15
N LEU A 201 -0.75 30.81 4.86
CA LEU A 201 -0.67 30.74 6.32
C LEU A 201 0.43 29.79 6.75
N CYS A 202 0.49 28.62 6.13
CA CYS A 202 1.51 27.64 6.47
C CYS A 202 2.91 28.21 6.26
N ALA A 203 3.14 28.89 5.14
CA ALA A 203 4.48 29.39 4.86
C ALA A 203 4.92 30.43 5.89
N ARG A 204 3.99 31.24 6.39
CA ARG A 204 4.34 32.21 7.43
C ARG A 204 4.82 31.54 8.71
N TYR A 205 4.47 30.28 8.93
CA TYR A 205 4.91 29.55 10.12
C TYR A 205 5.96 28.50 9.79
N ASP A 206 6.50 28.53 8.57
CA ASP A 206 7.49 27.55 8.13
C ASP A 206 6.94 26.14 8.32
N VAL A 207 5.67 25.96 7.97
CA VAL A 207 5.01 24.66 8.07
C VAL A 207 4.77 24.14 6.66
N PRO A 208 5.25 22.95 6.31
CA PRO A 208 5.01 22.41 4.97
C PRO A 208 3.52 22.27 4.69
N PHE A 209 3.10 22.75 3.52
CA PHE A 209 1.72 22.62 3.06
C PHE A 209 1.69 21.52 2.01
N MET A 210 0.86 20.50 2.24
CA MET A 210 0.86 19.30 1.42
C MET A 210 -0.52 19.08 0.84
N LEU A 211 -0.61 19.07 -0.49
CA LEU A 211 -1.87 18.81 -1.17
C LEU A 211 -2.00 17.31 -1.40
N ASP A 212 -3.03 16.70 -0.83
CA ASP A 212 -3.39 15.31 -1.15
C ASP A 212 -4.26 15.36 -2.41
N GLU A 213 -3.63 15.14 -3.56
CA GLU A 213 -4.32 15.16 -4.84
C GLU A 213 -4.49 13.76 -5.41
N VAL A 214 -4.57 12.76 -4.52
CA VAL A 214 -4.82 11.41 -5.00
C VAL A 214 -6.10 11.36 -5.83
N TYR A 215 -7.11 12.15 -5.46
CA TYR A 215 -8.33 12.26 -6.25
C TYR A 215 -8.26 13.37 -7.27
N THR A 216 -7.86 14.58 -6.85
CA THR A 216 -7.98 15.74 -7.73
C THR A 216 -6.88 15.83 -8.78
N GLY A 217 -5.83 15.02 -8.67
CA GLY A 217 -4.61 15.28 -9.43
C GLY A 217 -4.81 15.44 -10.92
N PHE A 218 -5.74 14.67 -11.51
CA PHE A 218 -5.96 14.77 -12.95
C PHE A 218 -7.38 15.18 -13.30
N ARG A 219 -8.17 15.57 -12.31
CA ARG A 219 -9.57 15.89 -12.55
C ARG A 219 -9.93 17.31 -12.18
N ALA A 220 -9.20 17.98 -11.28
CA ALA A 220 -9.39 19.42 -11.14
C ALA A 220 -8.79 20.15 -12.33
N GLY A 221 -7.83 19.52 -12.99
CA GLY A 221 -7.13 20.06 -14.13
C GLY A 221 -6.08 19.04 -14.54
N PRO A 222 -5.42 19.24 -15.69
CA PRO A 222 -4.42 18.26 -16.13
C PRO A 222 -3.19 18.19 -15.23
N LYS A 223 -2.96 19.22 -14.43
CA LYS A 223 -1.90 19.25 -13.43
C LYS A 223 -2.48 19.45 -12.04
N GLY A 224 -3.74 19.08 -11.84
CA GLY A 224 -4.37 19.15 -10.55
C GLY A 224 -4.61 20.57 -10.08
N VAL A 225 -5.02 20.65 -8.81
CA VAL A 225 -5.19 21.94 -8.16
C VAL A 225 -3.86 22.67 -8.08
N HIS A 226 -2.78 21.95 -7.76
CA HIS A 226 -1.47 22.58 -7.68
C HIS A 226 -1.15 23.33 -8.97
N GLY A 227 -1.38 22.67 -10.11
CA GLY A 227 -1.07 23.25 -11.41
C GLY A 227 -1.98 24.37 -11.84
N LEU A 228 -3.12 24.53 -11.18
CA LEU A 228 -3.97 25.70 -11.35
C LEU A 228 -3.46 26.89 -10.56
N GLY A 229 -2.31 26.77 -9.90
CA GLY A 229 -1.70 27.90 -9.26
C GLY A 229 -1.86 27.95 -7.76
N VAL A 230 -1.81 26.79 -7.10
CA VAL A 230 -1.87 26.71 -5.65
C VAL A 230 -0.50 26.24 -5.18
N PRO A 231 0.33 27.10 -4.60
CA PRO A 231 1.66 26.67 -4.16
C PRO A 231 1.57 25.61 -3.09
N ALA A 232 2.50 24.67 -3.12
CA ALA A 232 2.54 23.60 -2.13
C ALA A 232 3.97 23.12 -1.99
N ASP A 233 4.26 22.51 -0.83
CA ASP A 233 5.58 21.92 -0.62
C ASP A 233 5.61 20.44 -0.98
N VAL A 234 4.46 19.76 -0.92
CA VAL A 234 4.32 18.36 -1.31
C VAL A 234 2.98 18.21 -2.02
N VAL A 235 2.95 17.38 -3.06
CA VAL A 235 1.71 16.94 -3.68
C VAL A 235 1.72 15.41 -3.75
N VAL A 236 0.61 14.78 -3.38
CA VAL A 236 0.46 13.32 -3.49
C VAL A 236 -0.49 13.03 -4.64
N LEU A 237 -0.12 12.10 -5.52
CA LEU A 237 -0.93 11.69 -6.66
C LEU A 237 -1.19 10.20 -6.57
N GLY A 238 -2.28 9.77 -7.20
CA GLY A 238 -2.55 8.35 -7.22
C GLY A 238 -3.62 7.93 -8.20
N LYS A 239 -4.87 8.33 -7.98
CA LYS A 239 -5.93 7.87 -8.88
C LYS A 239 -5.71 8.49 -10.26
N GLY A 240 -5.71 7.65 -11.29
CA GLY A 240 -5.45 8.08 -12.63
C GLY A 240 -4.01 8.08 -13.05
N LEU A 241 -3.07 8.04 -12.09
CA LEU A 241 -1.66 8.30 -12.39
C LEU A 241 -1.12 7.31 -13.41
N ALA A 242 -1.54 6.05 -13.32
CA ALA A 242 -1.15 5.02 -14.29
C ALA A 242 -2.37 4.42 -14.96
N ASN A 243 -3.44 5.23 -15.06
CA ASN A 243 -4.69 4.88 -15.76
C ASN A 243 -5.24 3.51 -15.35
N GLY A 244 -5.20 3.22 -14.05
CA GLY A 244 -5.77 1.98 -13.50
C GLY A 244 -4.74 1.06 -12.89
N HIS A 245 -3.50 1.10 -13.40
CA HIS A 245 -2.44 0.31 -12.79
C HIS A 245 -2.02 0.97 -11.49
N SER A 246 -1.61 0.16 -10.52
N SER A 246 -1.56 0.15 -10.54
CA SER A 246 -1.38 0.69 -9.18
CA SER A 246 -1.29 0.63 -9.19
C SER A 246 -0.06 1.45 -9.14
C SER A 246 0.00 1.45 -9.15
N LEU A 247 -0.15 2.75 -8.91
CA LEU A 247 0.99 3.63 -8.73
C LEU A 247 0.49 4.86 -7.97
N ALA A 248 1.31 5.35 -7.03
CA ALA A 248 1.11 6.62 -6.37
C ALA A 248 2.45 7.35 -6.36
N ALA A 249 2.41 8.65 -6.14
CA ALA A 249 3.64 9.44 -6.15
C ALA A 249 3.57 10.53 -5.11
N VAL A 250 4.72 10.81 -4.51
CA VAL A 250 4.89 11.91 -3.57
C VAL A 250 6.00 12.80 -4.14
N MET A 251 5.63 13.99 -4.60
CA MET A 251 6.59 14.91 -5.20
C MET A 251 6.62 16.18 -4.39
N GLY A 252 7.77 16.84 -4.35
CA GLY A 252 7.81 18.10 -3.61
C GLY A 252 9.22 18.59 -3.34
N ARG A 253 9.31 19.42 -2.29
CA ARG A 253 10.52 20.13 -1.91
C ARG A 253 11.66 19.16 -1.64
N ARG A 254 12.85 19.51 -2.15
CA ARG A 254 14.00 18.61 -2.08
C ARG A 254 14.28 18.13 -0.66
N ASP A 255 14.28 19.05 0.31
CA ASP A 255 14.62 18.65 1.67
C ASP A 255 13.54 17.74 2.29
N ILE A 256 12.28 17.88 1.89
CA ILE A 256 11.27 16.97 2.43
C ILE A 256 11.41 15.59 1.81
N ILE A 257 11.56 15.51 0.49
CA ILE A 257 11.69 14.19 -0.13
C ILE A 257 12.97 13.52 0.32
N ASP A 258 14.04 14.30 0.53
CA ASP A 258 15.31 13.70 0.93
C ASP A 258 15.34 13.25 2.39
N ALA A 259 14.26 13.41 3.15
CA ALA A 259 14.15 12.75 4.45
C ALA A 259 13.78 11.27 4.34
N TYR A 260 13.66 10.74 3.11
CA TYR A 260 13.31 9.34 2.90
C TYR A 260 14.22 8.39 3.67
N ASP A 261 15.54 8.56 3.53
CA ASP A 261 16.47 7.62 4.17
C ASP A 261 16.24 7.56 5.68
N VAL A 262 16.16 8.72 6.35
CA VAL A 262 16.05 8.67 7.81
C VAL A 262 14.65 8.32 8.26
N SER A 263 13.66 8.42 7.36
CA SER A 263 12.27 8.17 7.73
C SER A 263 11.97 6.69 7.94
N GLY A 264 12.76 5.81 7.31
CA GLY A 264 12.44 4.40 7.33
C GLY A 264 11.41 3.93 6.33
N ILE A 265 10.91 4.81 5.46
CA ILE A 265 10.00 4.36 4.41
C ILE A 265 10.69 3.34 3.52
N GLN A 266 9.94 2.33 3.10
CA GLN A 266 10.44 1.44 2.06
C GLN A 266 9.24 0.74 1.43
N GLY A 267 9.46 -0.48 0.93
CA GLY A 267 8.40 -1.22 0.29
C GLY A 267 8.89 -2.00 -0.91
N THR A 268 8.69 -3.32 -0.85
CA THR A 268 9.12 -4.24 -1.90
C THR A 268 8.75 -3.75 -3.30
N TYR A 269 7.51 -3.33 -3.48
CA TYR A 269 7.00 -3.03 -4.82
C TYR A 269 7.11 -1.55 -5.19
N THR A 270 7.73 -0.71 -4.35
CA THR A 270 7.88 0.69 -4.76
C THR A 270 8.65 0.79 -6.07
N ARG A 271 9.59 -0.13 -6.30
CA ARG A 271 10.45 -0.09 -7.48
C ARG A 271 9.79 -0.65 -8.73
N GLU A 272 8.60 -1.21 -8.63
CA GLU A 272 7.95 -1.92 -9.75
C GLU A 272 7.85 -1.02 -11.00
N VAL A 273 8.37 -1.51 -12.11
CA VAL A 273 8.65 -0.67 -13.29
C VAL A 273 7.46 -0.55 -14.24
N PRO A 274 6.69 -1.59 -14.55
CA PRO A 274 5.62 -1.45 -15.56
C PRO A 274 4.67 -0.29 -15.26
N PRO A 275 4.20 -0.10 -14.03
CA PRO A 275 3.27 1.04 -13.81
C PRO A 275 3.93 2.39 -14.02
N MET A 276 5.26 2.48 -13.87
CA MET A 276 5.94 3.73 -14.19
C MET A 276 5.98 3.97 -15.69
N ALA A 277 6.15 2.91 -16.48
CA ALA A 277 6.04 3.06 -17.93
C ALA A 277 4.64 3.48 -18.33
N ALA A 278 3.61 2.95 -17.65
CA ALA A 278 2.23 3.36 -17.90
C ALA A 278 2.02 4.82 -17.55
N ALA A 279 2.58 5.27 -16.42
CA ALA A 279 2.41 6.67 -16.02
C ALA A 279 3.09 7.61 -17.01
N LEU A 280 4.25 7.24 -17.52
CA LEU A 280 4.89 8.04 -18.55
C LEU A 280 3.95 8.23 -19.74
N ALA A 281 3.29 7.15 -20.16
CA ALA A 281 2.35 7.21 -21.27
C ALA A 281 1.14 8.06 -20.92
N VAL A 282 0.66 7.97 -19.68
CA VAL A 282 -0.48 8.78 -19.26
C VAL A 282 -0.14 10.27 -19.37
N PHE A 283 1.03 10.67 -18.87
CA PHE A 283 1.39 12.09 -18.99
C PHE A 283 1.47 12.50 -20.45
N GLU A 284 2.01 11.62 -21.30
CA GLU A 284 2.13 11.97 -22.72
C GLU A 284 0.76 12.21 -23.34
N VAL A 285 -0.23 11.40 -22.97
CA VAL A 285 -1.58 11.58 -23.51
C VAL A 285 -2.22 12.85 -22.96
N LEU A 286 -2.11 13.06 -21.64
CA LEU A 286 -2.71 14.25 -21.03
C LEU A 286 -2.11 15.52 -21.57
N ASP A 287 -0.83 15.50 -21.96
CA ASP A 287 -0.16 16.67 -22.48
C ASP A 287 -0.24 16.78 -24.00
N THR A 288 -0.92 15.83 -24.65
CA THR A 288 -1.20 15.92 -26.09
C THR A 288 -2.23 17.03 -26.29
N PRO A 289 -1.92 18.07 -27.06
CA PRO A 289 -2.86 19.20 -27.17
C PRO A 289 -4.23 18.74 -27.64
N GLY A 290 -5.26 19.29 -27.00
CA GLY A 290 -6.63 18.98 -27.33
C GLY A 290 -7.26 17.84 -26.55
N VAL A 291 -6.46 16.90 -26.03
CA VAL A 291 -7.05 15.72 -25.41
C VAL A 291 -7.79 16.10 -24.13
N TYR A 292 -7.14 16.84 -23.24
CA TYR A 292 -7.79 17.17 -21.97
C TYR A 292 -8.98 18.08 -22.20
N GLU A 293 -8.86 19.02 -23.14
CA GLU A 293 -9.94 19.94 -23.43
C GLU A 293 -11.15 19.21 -23.99
N HIS A 294 -10.93 18.18 -24.81
CA HIS A 294 -12.06 17.40 -25.28
C HIS A 294 -12.73 16.67 -24.12
N ALA A 295 -11.93 16.11 -23.20
CA ALA A 295 -12.49 15.48 -22.01
C ALA A 295 -13.36 16.46 -21.23
N GLU A 296 -12.86 17.69 -21.03
CA GLU A 296 -13.64 18.67 -20.28
C GLU A 296 -14.92 19.04 -21.02
N ALA A 297 -14.86 19.10 -22.36
CA ALA A 297 -16.09 19.35 -23.11
C ALA A 297 -17.12 18.26 -22.89
N MET A 298 -16.68 17.00 -22.80
CA MET A 298 -17.63 15.93 -22.55
C MET A 298 -18.18 16.01 -21.12
N GLY A 299 -17.34 16.37 -20.16
CA GLY A 299 -17.83 16.56 -18.81
C GLY A 299 -18.87 17.67 -18.71
N ARG A 300 -18.63 18.79 -19.41
CA ARG A 300 -19.59 19.89 -19.41
C ARG A 300 -20.90 19.46 -20.06
N ARG A 301 -20.82 18.72 -21.19
CA ARG A 301 -22.01 18.22 -21.86
C ARG A 301 -22.85 17.36 -20.93
N LEU A 302 -22.18 16.50 -20.16
CA LEU A 302 -22.87 15.64 -19.20
C LEU A 302 -23.47 16.46 -18.08
N ALA A 303 -22.68 17.36 -17.49
CA ALA A 303 -23.13 18.14 -16.35
C ALA A 303 -24.32 19.01 -16.74
N ASP A 304 -24.21 19.71 -17.88
CA ASP A 304 -25.32 20.55 -18.33
C ASP A 304 -26.56 19.73 -18.61
N GLY A 305 -26.40 18.54 -19.19
CA GLY A 305 -27.54 17.70 -19.47
C GLY A 305 -28.20 17.18 -18.21
N MET A 306 -27.40 16.77 -17.22
CA MET A 306 -27.98 16.28 -15.98
C MET A 306 -28.70 17.41 -15.26
N ARG A 307 -28.11 18.60 -15.24
CA ARG A 307 -28.78 19.75 -14.63
C ARG A 307 -30.12 20.02 -15.31
N GLU A 308 -30.15 20.00 -16.64
CA GLU A 308 -31.40 20.29 -17.36
C GLU A 308 -32.46 19.24 -17.07
N ILE A 309 -32.04 17.98 -16.96
CA ILE A 309 -32.97 16.89 -16.70
C ILE A 309 -33.61 17.06 -15.33
N LEU A 310 -32.79 17.34 -14.32
CA LEU A 310 -33.30 17.51 -12.97
C LEU A 310 -34.22 18.72 -12.90
N THR A 311 -33.78 19.85 -13.45
CA THR A 311 -34.61 21.05 -13.43
C THR A 311 -35.89 20.85 -14.24
N GLY A 312 -35.82 20.09 -15.33
CA GLY A 312 -37.00 19.83 -16.12
C GLY A 312 -38.06 19.03 -15.37
N GLU A 313 -37.64 18.25 -14.40
CA GLU A 313 -38.57 17.51 -13.54
C GLU A 313 -38.98 18.29 -12.30
N GLY A 314 -38.46 19.50 -12.12
CA GLY A 314 -38.76 20.30 -10.95
C GLY A 314 -37.99 19.94 -9.70
N ILE A 315 -36.89 19.21 -9.83
CA ILE A 315 -36.13 18.75 -8.67
C ILE A 315 -35.09 19.81 -8.34
N PRO A 316 -35.14 20.43 -7.15
CA PRO A 316 -34.09 21.38 -6.77
C PRO A 316 -32.74 20.69 -6.80
N ASN A 317 -31.74 21.38 -7.35
CA ASN A 317 -30.45 20.74 -7.54
C ASN A 317 -29.35 21.77 -7.63
N TRP A 318 -28.13 21.30 -7.42
CA TRP A 318 -26.92 22.08 -7.61
C TRP A 318 -25.93 21.18 -8.32
N VAL A 319 -25.57 21.53 -9.55
CA VAL A 319 -24.62 20.79 -10.36
C VAL A 319 -23.45 21.72 -10.60
N GLY A 320 -22.27 21.35 -10.14
CA GLY A 320 -21.14 22.27 -10.21
C GLY A 320 -19.85 21.53 -9.92
N GLY A 321 -18.76 22.30 -10.01
CA GLY A 321 -17.44 21.75 -9.85
C GLY A 321 -16.72 21.59 -11.19
N PRO A 322 -15.48 21.10 -11.14
CA PRO A 322 -14.70 20.96 -12.38
C PRO A 322 -15.36 19.97 -13.32
N ALA A 323 -15.15 20.17 -14.63
CA ALA A 323 -15.79 19.34 -15.64
C ALA A 323 -15.49 17.85 -15.44
N LEU A 324 -14.27 17.51 -15.00
CA LEU A 324 -13.93 16.10 -14.83
C LEU A 324 -14.18 15.56 -13.42
N MET A 325 -14.87 16.32 -12.56
CA MET A 325 -15.25 15.81 -11.25
C MET A 325 -16.35 16.71 -10.68
N PHE A 326 -17.49 16.74 -11.37
CA PHE A 326 -18.56 17.64 -10.94
C PHE A 326 -19.54 16.87 -10.07
N ASP A 327 -20.16 17.61 -9.15
CA ASP A 327 -21.10 17.06 -8.18
C ASP A 327 -22.53 17.37 -8.59
N VAL A 328 -23.40 16.40 -8.31
CA VAL A 328 -24.84 16.53 -8.48
C VAL A 328 -25.43 16.48 -7.07
N VAL A 329 -25.78 17.64 -6.53
CA VAL A 329 -26.24 17.73 -5.15
C VAL A 329 -27.75 17.90 -5.18
N LEU A 330 -28.45 17.09 -4.38
CA LEU A 330 -29.91 17.03 -4.42
C LEU A 330 -30.46 17.33 -3.01
N PRO A 331 -31.78 17.52 -2.86
CA PRO A 331 -32.30 17.94 -1.55
C PRO A 331 -32.16 16.91 -0.43
N ASN A 332 -31.89 15.65 -0.75
CA ASN A 332 -31.71 14.62 0.27
C ASN A 332 -30.72 13.60 -0.24
N ASP A 333 -30.27 12.74 0.67
CA ASP A 333 -29.21 11.79 0.37
C ASP A 333 -29.72 10.46 -0.16
N ASP A 334 -31.03 10.34 -0.40
CA ASP A 334 -31.61 9.13 -0.96
C ASP A 334 -31.92 9.25 -2.45
N LEU A 335 -32.31 10.42 -2.94
CA LEU A 335 -32.81 10.56 -4.31
C LEU A 335 -31.75 10.16 -5.34
N GLY A 336 -30.54 10.71 -5.22
CA GLY A 336 -29.50 10.41 -6.19
C GLY A 336 -29.23 8.93 -6.30
N TRP A 337 -29.03 8.27 -5.14
CA TRP A 337 -28.74 6.83 -5.11
C TRP A 337 -29.85 6.02 -5.78
N GLU A 338 -31.11 6.39 -5.53
CA GLU A 338 -32.21 5.67 -6.18
C GLU A 338 -32.19 5.87 -7.69
N ILE A 339 -31.95 7.10 -8.15
CA ILE A 339 -31.88 7.34 -9.59
C ILE A 339 -30.73 6.54 -10.20
N TYR A 340 -29.56 6.56 -9.55
CA TYR A 340 -28.40 5.89 -10.12
C TYR A 340 -28.59 4.37 -10.13
N LYS A 341 -29.19 3.81 -9.08
CA LYS A 341 -29.50 2.38 -9.12
C LYS A 341 -30.41 2.04 -10.29
N THR A 342 -31.42 2.88 -10.51
CA THR A 342 -32.34 2.64 -11.63
C THR A 342 -31.64 2.78 -12.97
N ALA A 343 -30.74 3.76 -13.10
CA ALA A 343 -30.04 4.00 -14.37
C ALA A 343 -29.17 2.83 -14.77
N HIS A 344 -28.76 1.99 -13.81
CA HIS A 344 -28.00 0.80 -14.14
C HIS A 344 -28.78 -0.11 -15.08
N ASP A 345 -30.11 -0.15 -14.92
CA ASP A 345 -30.98 -0.89 -15.83
C ASP A 345 -30.83 -0.42 -17.27
N PHE A 346 -30.43 0.83 -17.46
CA PHE A 346 -30.40 1.46 -18.78
C PHE A 346 -28.97 1.62 -19.31
N GLY A 347 -28.02 0.90 -18.71
CA GLY A 347 -26.69 0.82 -19.28
C GLY A 347 -25.73 1.93 -18.90
N VAL A 348 -25.79 2.42 -17.66
N VAL A 348 -25.76 2.39 -17.66
CA VAL A 348 -24.82 3.38 -17.15
CA VAL A 348 -24.79 3.36 -17.16
C VAL A 348 -24.43 3.00 -15.73
C VAL A 348 -24.43 3.01 -15.72
N TYR A 349 -23.16 3.20 -15.38
CA TYR A 349 -22.65 3.16 -14.02
C TYR A 349 -22.43 4.62 -13.59
N PHE A 350 -23.45 5.24 -12.99
CA PHE A 350 -23.19 6.56 -12.43
C PHE A 350 -22.39 6.41 -11.15
N GLU A 351 -21.66 7.46 -10.77
CA GLU A 351 -20.96 7.44 -9.49
C GLU A 351 -21.98 7.67 -8.39
N ASP A 352 -22.13 6.69 -7.50
CA ASP A 352 -23.27 6.68 -6.60
C ASP A 352 -23.19 7.75 -5.53
N SER A 353 -22.02 8.33 -5.30
CA SER A 353 -21.89 9.45 -4.35
C SER A 353 -22.18 10.80 -4.98
N GLY A 354 -22.45 10.86 -6.29
CA GLY A 354 -22.88 12.09 -6.93
C GLY A 354 -21.80 12.87 -7.66
N THR A 355 -20.53 12.45 -7.59
CA THR A 355 -19.42 13.12 -8.28
C THR A 355 -19.13 12.32 -9.55
N GLN A 356 -19.53 12.85 -10.69
CA GLN A 356 -19.47 12.09 -11.95
C GLN A 356 -18.14 12.33 -12.64
N LEU A 357 -17.58 11.27 -13.23
CA LEU A 357 -16.19 11.23 -13.68
C LEU A 357 -16.10 10.73 -15.13
N VAL A 358 -16.07 11.66 -16.08
CA VAL A 358 -15.86 11.26 -17.47
C VAL A 358 -14.38 10.91 -17.65
N THR A 359 -14.05 10.28 -18.76
CA THR A 359 -12.66 10.01 -19.11
C THR A 359 -12.40 10.54 -20.50
N ALA A 360 -11.12 10.57 -20.86
CA ALA A 360 -10.70 11.09 -22.15
C ALA A 360 -11.32 10.31 -23.31
N ALA A 361 -11.72 9.06 -23.08
CA ALA A 361 -12.28 8.25 -24.15
C ALA A 361 -13.74 8.59 -24.48
N PHE A 362 -14.39 9.45 -23.70
CA PHE A 362 -15.78 9.76 -23.96
C PHE A 362 -15.95 10.49 -25.28
N ASP A 363 -17.03 10.18 -25.98
CA ASP A 363 -17.51 10.95 -27.12
C ASP A 363 -18.95 11.38 -26.83
N GLU A 364 -19.53 12.13 -27.78
CA GLU A 364 -20.89 12.63 -27.55
C GLU A 364 -21.88 11.49 -27.44
N ALA A 365 -21.66 10.40 -28.17
CA ALA A 365 -22.56 9.25 -28.07
C ALA A 365 -22.57 8.67 -26.67
N ALA A 366 -21.39 8.56 -26.04
CA ALA A 366 -21.33 8.01 -24.69
C ALA A 366 -22.03 8.92 -23.69
N VAL A 367 -21.79 10.22 -23.80
CA VAL A 367 -22.44 11.20 -22.92
C VAL A 367 -23.95 11.12 -23.08
N ASP A 368 -24.41 11.13 -24.33
CA ASP A 368 -25.86 11.20 -24.56
C ASP A 368 -26.53 9.89 -24.19
N HIS A 369 -25.83 8.76 -24.30
CA HIS A 369 -26.36 7.51 -23.76
C HIS A 369 -26.58 7.63 -22.26
N ALA A 370 -25.61 8.19 -21.55
CA ALA A 370 -25.75 8.39 -20.11
C ALA A 370 -26.90 9.34 -19.81
N LEU A 371 -27.05 10.41 -20.60
CA LEU A 371 -28.11 11.38 -20.35
C LEU A 371 -29.48 10.77 -20.56
N THR A 372 -29.65 9.98 -21.62
CA THR A 372 -30.95 9.34 -21.83
C THR A 372 -31.28 8.38 -20.69
N ALA A 373 -30.29 7.58 -20.26
CA ALA A 373 -30.49 6.71 -19.12
C ALA A 373 -30.84 7.51 -17.87
N PHE A 374 -30.15 8.63 -17.64
CA PHE A 374 -30.45 9.48 -16.49
C PHE A 374 -31.87 10.05 -16.58
N ARG A 375 -32.29 10.45 -17.78
CA ARG A 375 -33.65 10.97 -17.94
C ARG A 375 -34.70 9.90 -17.66
N LYS A 376 -34.53 8.70 -18.24
CA LYS A 376 -35.45 7.59 -18.00
C LYS A 376 -35.49 7.23 -16.53
N ALA A 377 -34.31 7.11 -15.91
CA ALA A 377 -34.24 6.74 -14.50
C ALA A 377 -34.85 7.81 -13.61
N THR A 378 -34.57 9.09 -13.88
CA THR A 378 -35.15 10.15 -13.06
C THR A 378 -36.67 10.14 -13.15
N ARG A 379 -37.21 9.99 -14.36
CA ARG A 379 -38.65 9.96 -14.52
C ARG A 379 -39.27 8.79 -13.76
N GLN A 380 -38.62 7.62 -13.79
CA GLN A 380 -39.17 6.46 -13.10
C GLN A 380 -39.14 6.65 -11.59
N VAL A 381 -38.03 7.16 -11.06
CA VAL A 381 -37.90 7.32 -9.61
C VAL A 381 -38.81 8.43 -9.12
N VAL A 382 -38.90 9.53 -9.88
CA VAL A 382 -39.83 10.59 -9.52
C VAL A 382 -41.24 10.02 -9.38
N ALA A 383 -41.66 9.24 -10.38
CA ALA A 383 -43.01 8.69 -10.37
C ALA A 383 -43.25 7.76 -9.19
N ASP A 384 -42.26 6.94 -8.85
N ASP A 384 -42.26 6.93 -8.85
CA ASP A 384 -42.43 5.89 -7.85
CA ASP A 384 -42.43 5.88 -7.85
C ASP A 384 -42.14 6.34 -6.42
C ASP A 384 -42.13 6.34 -6.43
N ARG A 385 -41.34 7.39 -6.24
CA ARG A 385 -40.80 7.75 -4.92
C ARG A 385 -41.04 9.20 -4.58
N PRO A 386 -42.31 9.62 -4.46
CA PRO A 386 -42.57 11.00 -4.02
C PRO A 386 -42.05 11.30 -2.63
N ASP A 387 -41.71 10.29 -1.83
CA ASP A 387 -41.14 10.53 -0.51
C ASP A 387 -39.76 11.16 -0.59
N ILE A 388 -39.03 10.96 -1.68
CA ILE A 388 -37.68 11.50 -1.80
C ILE A 388 -37.49 12.34 -3.05
N ALA A 389 -38.52 12.54 -3.88
CA ALA A 389 -38.40 13.20 -5.17
C ALA A 389 -39.32 14.42 -5.21
N PRO A 390 -38.88 15.56 -4.67
CA PRO A 390 -39.70 16.77 -4.77
C PRO A 390 -39.61 17.39 -6.17
N THR A 391 -40.76 17.82 -6.69
CA THR A 391 -40.83 18.34 -8.06
C THR A 391 -41.39 19.76 -8.11
N SER A 392 -41.37 20.48 -7.00
CA SER A 392 -41.96 21.81 -6.87
C SER A 392 -41.02 22.94 -7.30
N GLY A 393 -39.83 22.62 -7.81
CA GLY A 393 -38.89 23.65 -8.22
C GLY A 393 -38.20 24.33 -7.05
N GLY A 394 -37.37 25.31 -7.38
CA GLY A 394 -36.65 26.08 -6.38
C GLY A 394 -35.20 25.64 -6.30
N GLU A 395 -34.53 26.12 -5.24
CA GLU A 395 -33.12 25.84 -5.01
C GLU A 395 -32.94 25.03 -3.75
N LEU A 396 -31.77 24.40 -3.63
CA LEU A 396 -31.39 23.75 -2.39
C LEU A 396 -31.34 24.79 -1.27
N THR A 397 -31.76 24.39 -0.07
CA THR A 397 -31.73 25.29 1.07
C THR A 397 -30.29 25.51 1.53
N GLU A 398 -30.03 26.66 2.15
CA GLU A 398 -28.69 26.90 2.69
C GLU A 398 -28.36 25.88 3.77
N GLU A 399 -29.36 25.48 4.56
CA GLU A 399 -29.15 24.46 5.58
C GLU A 399 -28.72 23.14 4.95
N ARG A 400 -29.38 22.73 3.87
CA ARG A 400 -28.99 21.49 3.20
C ARG A 400 -27.57 21.59 2.68
N LYS A 401 -27.21 22.72 2.06
CA LYS A 401 -25.86 22.85 1.51
C LYS A 401 -24.82 22.82 2.63
N LEU A 402 -25.13 23.44 3.77
CA LEU A 402 -24.18 23.46 4.89
C LEU A 402 -24.10 22.08 5.54
N ASP A 403 -25.24 21.42 5.75
CA ASP A 403 -25.24 20.08 6.32
C ASP A 403 -24.51 19.09 5.42
N PHE A 404 -24.75 19.17 4.11
CA PHE A 404 -24.10 18.26 3.17
C PHE A 404 -22.58 18.39 3.23
N ALA A 405 -22.07 19.62 3.31
CA ALA A 405 -20.63 19.80 3.39
C ALA A 405 -20.04 19.11 4.61
N GLU A 406 -20.71 19.22 5.76
CA GLU A 406 -20.17 18.61 6.97
C GLU A 406 -20.20 17.08 6.87
N GLU A 407 -21.29 16.53 6.32
CA GLU A 407 -21.43 15.08 6.23
C GLU A 407 -20.57 14.50 5.13
N ALA A 408 -20.42 15.21 4.01
CA ALA A 408 -19.73 14.63 2.86
C ALA A 408 -18.22 14.67 3.03
N PHE A 409 -17.66 15.75 3.59
CA PHE A 409 -16.21 15.85 3.69
C PHE A 409 -15.76 16.51 4.99
N GLY A 410 -16.61 16.62 5.99
CA GLY A 410 -16.19 17.14 7.27
C GLY A 410 -15.92 18.64 7.27
N GLY A 411 -16.49 19.36 6.30
CA GLY A 411 -16.29 20.79 6.22
C GLY A 411 -17.10 21.52 7.26
N LEU A 412 -16.44 22.31 8.09
CA LEU A 412 -17.09 23.18 9.08
C LEU A 412 -17.17 24.57 8.47
N LEU A 413 -18.29 24.85 7.80
CA LEU A 413 -18.46 26.10 7.06
C LEU A 413 -19.23 27.15 7.83
N ARG A 414 -19.83 26.79 8.96
CA ARG A 414 -20.63 27.73 9.72
C ARG A 414 -19.75 28.60 10.61
N ASP A 415 -20.16 29.86 10.75
CA ASP A 415 -19.49 30.80 11.64
C ASP A 415 -20.37 31.05 12.85
N ASP A 416 -20.68 30.00 13.61
CA ASP A 416 -21.63 30.10 14.71
C ASP A 416 -20.91 29.80 16.03
N GLU A 417 -21.69 29.85 17.12
CA GLU A 417 -21.12 29.61 18.44
C GLU A 417 -20.58 28.18 18.57
N ARG A 418 -21.34 27.19 18.07
CA ARG A 418 -20.91 25.80 18.18
C ARG A 418 -19.58 25.56 17.49
N THR A 419 -19.39 26.15 16.30
CA THR A 419 -18.15 25.93 15.56
C THR A 419 -16.98 26.63 16.24
N ASN A 420 -17.17 27.88 16.68
CA ASN A 420 -16.08 28.58 17.32
C ASN A 420 -15.73 28.02 18.69
N ALA A 421 -16.69 27.38 19.37
CA ALA A 421 -16.37 26.67 20.59
C ALA A 421 -15.49 25.46 20.30
N LEU A 422 -15.87 24.69 19.27
CA LEU A 422 -15.05 23.54 18.86
C LEU A 422 -13.62 23.95 18.55
N ILE A 423 -13.45 25.09 17.88
CA ILE A 423 -12.10 25.57 17.57
C ILE A 423 -11.33 25.85 18.85
N ASP A 424 -11.95 26.60 19.78
CA ASP A 424 -11.24 26.94 21.01
C ASP A 424 -10.98 25.71 21.87
N GLU A 425 -11.94 24.78 21.91
CA GLU A 425 -11.78 23.61 22.76
C GLU A 425 -10.65 22.73 22.25
N THR A 426 -10.57 22.55 20.93
CA THR A 426 -9.51 21.74 20.34
C THR A 426 -8.15 22.38 20.57
N ILE A 427 -8.06 23.70 20.46
CA ILE A 427 -6.76 24.34 20.66
C ILE A 427 -6.33 24.22 22.10
N GLU A 428 -7.26 24.42 23.04
CA GLU A 428 -6.94 24.24 24.45
C GLU A 428 -6.47 22.82 24.73
N LYS A 429 -7.12 21.83 24.11
CA LYS A 429 -6.72 20.44 24.28
C LYS A 429 -5.27 20.21 23.85
N VAL A 430 -4.90 20.75 22.69
CA VAL A 430 -3.53 20.59 22.21
C VAL A 430 -2.54 21.28 23.14
N VAL A 431 -2.83 22.54 23.48
CA VAL A 431 -1.85 23.36 24.18
C VAL A 431 -1.64 22.86 25.61
N ASN A 432 -2.68 22.35 26.24
CA ASN A 432 -2.61 21.97 27.65
C ASN A 432 -2.34 20.49 27.86
N ARG A 433 -2.01 19.75 26.80
CA ARG A 433 -1.81 18.31 26.91
C ARG A 433 -0.55 17.96 27.69
N ASP A 434 -0.51 16.71 28.17
CA ASP A 434 0.69 16.13 28.73
C ASP A 434 1.68 15.89 27.60
N ARG A 435 2.74 16.72 27.55
CA ARG A 435 3.70 16.67 26.44
C ARG A 435 4.57 15.43 26.49
N SER A 436 4.60 14.69 27.60
CA SER A 436 5.38 13.47 27.67
C SER A 436 4.75 12.32 26.91
N ILE A 437 3.51 12.44 26.47
CA ILE A 437 2.78 11.39 25.78
C ILE A 437 2.71 11.78 24.30
N LYS A 438 3.55 11.16 23.47
CA LYS A 438 3.66 11.39 22.04
C LYS A 438 3.31 10.12 21.27
N PRO A 439 2.89 10.24 20.01
CA PRO A 439 2.81 9.05 19.16
C PRO A 439 4.18 8.45 18.93
N VAL A 440 4.18 7.19 18.49
CA VAL A 440 5.41 6.53 18.07
C VAL A 440 5.85 7.15 16.75
N LEU A 441 7.03 7.77 16.75
CA LEU A 441 7.56 8.43 15.56
C LEU A 441 8.92 7.85 15.17
N PHE A 442 9.18 7.83 13.86
CA PHE A 442 10.47 7.38 13.31
C PHE A 442 10.94 8.42 12.30
N PRO A 443 12.08 9.09 12.53
CA PRO A 443 12.94 9.04 13.72
C PRO A 443 12.21 9.44 15.01
N ALA A 444 12.67 8.89 16.14
CA ALA A 444 12.09 9.26 17.42
C ALA A 444 12.26 10.75 17.66
N GLN A 445 11.26 11.35 18.31
CA GLN A 445 11.32 12.75 18.71
C GLN A 445 11.23 12.92 20.22
N ASN A 446 11.14 11.84 20.98
CA ASN A 446 11.24 11.89 22.44
C ASN A 446 11.75 10.56 23.00
N MET B 2 22.28 5.44 -21.50
CA MET B 2 22.98 5.98 -20.34
C MET B 2 23.81 4.87 -19.68
N ASN B 3 24.86 5.25 -18.95
CA ASN B 3 25.61 4.31 -18.13
C ASN B 3 25.27 4.56 -16.66
N TYR B 4 25.90 3.78 -15.78
CA TYR B 4 25.56 3.85 -14.37
C TYR B 4 25.75 5.27 -13.82
N ARG B 5 26.93 5.85 -14.06
CA ARG B 5 27.21 7.17 -13.50
C ARG B 5 26.22 8.21 -13.98
N GLU B 6 25.91 8.20 -15.29
CA GLU B 6 24.98 9.18 -15.81
C GLU B 6 23.59 9.00 -15.22
N LEU B 7 23.15 7.76 -15.06
CA LEU B 7 21.82 7.52 -14.52
CA LEU B 7 21.81 7.54 -14.52
C LEU B 7 21.74 7.92 -13.05
N ILE B 8 22.77 7.63 -12.27
CA ILE B 8 22.61 7.96 -10.85
C ILE B 8 22.68 9.46 -10.63
N GLU B 9 23.44 10.19 -11.46
CA GLU B 9 23.42 11.64 -11.26
C GLU B 9 22.05 12.21 -11.59
N ARG B 10 21.42 11.70 -12.66
CA ARG B 10 20.05 12.11 -12.97
C ARG B 10 19.09 11.67 -11.87
N ALA B 11 19.31 10.49 -11.31
CA ALA B 11 18.46 9.99 -10.24
C ALA B 11 18.60 10.81 -8.97
N ARG B 12 19.84 11.17 -8.61
CA ARG B 12 20.03 11.97 -7.39
C ARG B 12 19.26 13.27 -7.46
N ARG B 13 19.20 13.86 -8.67
CA ARG B 13 18.54 15.14 -8.84
C ARG B 13 17.03 15.02 -8.73
N THR B 14 16.45 13.86 -9.08
CA THR B 14 14.99 13.78 -9.28
C THR B 14 14.26 12.72 -8.46
N THR B 15 14.90 11.67 -7.97
CA THR B 15 14.12 10.61 -7.34
C THR B 15 14.84 9.80 -6.27
N ALA B 16 16.17 9.72 -6.30
CA ALA B 16 16.85 8.70 -5.50
C ALA B 16 16.98 9.11 -4.04
N ALA B 17 16.66 8.19 -3.14
CA ALA B 17 17.11 8.28 -1.76
C ALA B 17 18.54 7.73 -1.72
N GLU B 18 19.51 8.55 -1.30
CA GLU B 18 20.91 8.20 -1.52
C GLU B 18 21.26 6.81 -0.99
N GLU B 19 20.92 6.54 0.27
CA GLU B 19 21.34 5.26 0.84
C GLU B 19 20.46 4.11 0.36
N TYR B 20 19.14 4.29 0.41
CA TYR B 20 18.23 3.22 0.02
C TYR B 20 18.39 2.86 -1.46
N ASP B 21 18.59 3.86 -2.32
CA ASP B 21 18.53 3.62 -3.76
C ASP B 21 19.89 3.50 -4.42
N ILE B 22 20.93 4.12 -3.86
CA ILE B 22 22.22 4.15 -4.54
C ILE B 22 23.34 3.55 -3.69
N SER B 23 23.74 4.24 -2.61
CA SER B 23 24.95 3.85 -1.89
CA SER B 23 24.95 3.83 -1.91
C SER B 23 24.78 2.56 -1.10
N GLY B 24 23.55 2.20 -0.75
CA GLY B 24 23.34 0.94 -0.08
C GLY B 24 23.21 -0.24 -1.02
N ARG B 25 23.33 -0.01 -2.32
CA ARG B 25 23.12 -1.04 -3.33
C ARG B 25 24.36 -1.16 -4.20
N TYR B 26 24.45 -2.28 -4.94
CA TYR B 26 25.59 -2.48 -5.82
C TYR B 26 25.61 -1.40 -6.90
N PRO B 27 26.79 -1.07 -7.42
CA PRO B 27 26.92 0.01 -8.40
C PRO B 27 26.56 -0.43 -9.82
N SER B 28 25.32 -0.90 -9.98
CA SER B 28 24.76 -1.22 -11.29
C SER B 28 23.25 -1.00 -11.21
N VAL B 29 22.65 -0.72 -12.36
CA VAL B 29 21.21 -0.58 -12.50
C VAL B 29 20.75 -1.57 -13.56
N ILE B 30 19.71 -2.34 -13.26
CA ILE B 30 19.28 -3.42 -14.14
C ILE B 30 18.39 -2.87 -15.25
N ALA B 31 18.68 -3.27 -16.49
CA ALA B 31 17.92 -2.93 -17.70
C ALA B 31 16.91 -4.01 -18.09
N HIS B 32 17.32 -5.28 -18.07
CA HIS B 32 16.39 -6.37 -18.29
C HIS B 32 16.85 -7.59 -17.50
N ALA B 33 15.95 -8.55 -17.34
CA ALA B 33 16.28 -9.74 -16.57
C ALA B 33 15.37 -10.87 -17.02
N GLU B 34 15.89 -12.10 -16.92
CA GLU B 34 15.16 -13.26 -17.41
C GLU B 34 15.70 -14.50 -16.70
N GLY B 35 14.80 -15.32 -16.19
CA GLY B 35 15.27 -16.48 -15.44
C GLY B 35 16.06 -16.03 -14.24
N ALA B 36 17.28 -16.57 -14.12
CA ALA B 36 18.16 -16.27 -12.99
C ALA B 36 19.10 -15.10 -13.25
N TRP B 37 19.07 -14.54 -14.46
CA TRP B 37 20.12 -13.64 -14.92
C TRP B 37 19.61 -12.23 -15.18
N MET B 38 20.40 -11.24 -14.78
CA MET B 38 20.07 -9.82 -14.97
C MET B 38 21.17 -9.14 -15.78
N THR B 39 20.78 -8.10 -16.51
CA THR B 39 21.71 -7.36 -17.36
C THR B 39 21.62 -5.89 -17.03
N ASP B 40 22.77 -5.24 -16.82
CA ASP B 40 22.75 -3.84 -16.39
C ASP B 40 22.80 -2.92 -17.61
N LEU B 41 22.94 -1.61 -17.37
CA LEU B 41 22.85 -0.62 -18.44
C LEU B 41 24.00 -0.71 -19.44
N SER B 42 25.12 -1.34 -19.08
CA SER B 42 26.24 -1.50 -19.99
C SER B 42 26.38 -2.92 -20.52
N GLY B 43 25.38 -3.77 -20.30
CA GLY B 43 25.44 -5.13 -20.80
C GLY B 43 26.13 -6.14 -19.90
N ASN B 44 26.63 -5.73 -18.73
CA ASN B 44 27.17 -6.71 -17.79
C ASN B 44 26.06 -7.62 -17.28
N ARG B 45 26.38 -8.89 -17.10
CA ARG B 45 25.40 -9.90 -16.68
C ARG B 45 25.67 -10.36 -15.26
N TYR B 46 24.59 -10.64 -14.51
CA TYR B 46 24.68 -11.06 -13.11
C TYR B 46 23.65 -12.14 -12.83
N VAL B 47 24.04 -13.13 -12.03
CA VAL B 47 23.08 -14.04 -11.42
C VAL B 47 22.50 -13.34 -10.20
N ASP B 48 21.17 -13.27 -10.11
CA ASP B 48 20.51 -12.64 -8.97
C ASP B 48 20.30 -13.65 -7.85
N LEU B 49 20.83 -13.36 -6.67
CA LEU B 49 20.52 -14.14 -5.49
C LEU B 49 19.70 -13.34 -4.47
N THR B 50 19.16 -12.20 -4.88
CA THR B 50 18.31 -11.41 -3.99
C THR B 50 16.82 -11.69 -4.20
N GLY B 51 16.47 -12.45 -5.23
CA GLY B 51 15.08 -12.62 -5.60
C GLY B 51 14.34 -11.31 -5.80
N ALA B 52 15.00 -10.33 -6.40
CA ALA B 52 14.50 -8.95 -6.47
C ALA B 52 14.03 -8.52 -5.09
N ASP B 53 14.94 -8.65 -4.12
CA ASP B 53 14.65 -8.44 -2.71
C ASP B 53 13.39 -9.19 -2.31
N ALA B 54 13.34 -10.45 -2.72
CA ALA B 54 12.37 -11.50 -2.42
C ALA B 54 11.04 -11.31 -3.12
N ALA B 55 10.86 -10.25 -3.93
CA ALA B 55 9.61 -10.09 -4.68
C ALA B 55 9.35 -11.25 -5.63
N VAL B 56 10.41 -11.90 -6.12
CA VAL B 56 10.35 -12.89 -7.19
C VAL B 56 10.62 -14.26 -6.60
N ILE B 57 9.84 -15.26 -7.03
CA ILE B 57 10.00 -16.64 -6.56
C ILE B 57 10.29 -17.60 -7.71
N LEU B 58 9.65 -17.39 -8.88
CA LEU B 58 9.82 -18.29 -10.00
C LEU B 58 11.02 -17.94 -10.87
N GLY B 59 11.41 -16.68 -10.91
CA GLY B 59 12.39 -16.17 -11.85
C GLY B 59 11.87 -14.93 -12.56
N TYR B 60 12.78 -14.26 -13.23
CA TYR B 60 12.43 -13.04 -13.95
C TYR B 60 11.66 -13.36 -15.23
N ARG B 61 10.66 -12.54 -15.52
CA ARG B 61 9.87 -12.67 -16.74
C ARG B 61 9.40 -14.10 -16.93
N HIS B 62 8.86 -14.72 -15.88
CA HIS B 62 8.39 -16.09 -16.05
C HIS B 62 7.29 -16.13 -17.09
N PRO B 63 7.40 -16.95 -18.13
CA PRO B 63 6.51 -16.79 -19.28
C PRO B 63 5.06 -17.15 -19.00
N ALA B 64 4.80 -18.08 -18.08
CA ALA B 64 3.40 -18.37 -17.76
C ALA B 64 2.76 -17.23 -16.99
N VAL B 65 3.50 -16.65 -16.04
CA VAL B 65 3.00 -15.47 -15.33
C VAL B 65 2.81 -14.32 -16.30
N ASN B 66 3.81 -14.08 -17.16
CA ASN B 66 3.71 -12.99 -18.13
C ASN B 66 2.53 -13.16 -19.07
N GLU B 67 2.31 -14.39 -19.57
CA GLU B 67 1.15 -14.63 -20.43
C GLU B 67 -0.14 -14.30 -19.72
N ALA B 68 -0.27 -14.74 -18.46
CA ALA B 68 -1.50 -14.52 -17.72
C ALA B 68 -1.76 -13.03 -17.50
N ILE B 69 -0.73 -12.30 -17.08
CA ILE B 69 -0.95 -10.88 -16.77
C ILE B 69 -1.19 -10.07 -18.03
N THR B 70 -0.46 -10.38 -19.11
CA THR B 70 -0.60 -9.63 -20.36
CA THR B 70 -0.63 -9.57 -20.32
C THR B 70 -1.95 -9.88 -21.00
N ARG B 71 -2.41 -11.13 -20.95
CA ARG B 71 -3.74 -11.43 -21.46
C ARG B 71 -4.81 -10.65 -20.72
N GLN B 72 -4.70 -10.56 -19.39
CA GLN B 72 -5.71 -9.80 -18.65
C GLN B 72 -5.68 -8.32 -19.04
N ILE B 73 -4.49 -7.75 -19.12
CA ILE B 73 -4.33 -6.32 -19.44
C ILE B 73 -4.87 -6.02 -20.83
N ARG B 74 -4.52 -6.85 -21.82
CA ARG B 74 -4.84 -6.54 -23.20
C ARG B 74 -6.22 -7.00 -23.64
N ASP B 75 -6.74 -8.11 -23.12
CA ASP B 75 -7.99 -8.66 -23.64
C ASP B 75 -9.19 -8.34 -22.77
N TYR B 76 -8.99 -7.88 -21.53
CA TYR B 76 -10.12 -7.65 -20.63
C TYR B 76 -10.05 -6.28 -19.99
N GLY B 77 -9.00 -6.02 -19.22
CA GLY B 77 -8.85 -4.74 -18.55
C GLY B 77 -8.16 -4.92 -17.21
N THR B 78 -7.85 -3.80 -16.57
CA THR B 78 -7.00 -3.81 -15.39
C THR B 78 -7.77 -3.57 -14.11
N THR B 79 -8.39 -2.40 -13.95
CA THR B 79 -9.10 -2.02 -12.74
C THR B 79 -10.48 -1.53 -13.15
N PHE B 80 -11.53 -2.25 -12.77
CA PHE B 80 -12.88 -1.96 -13.24
C PHE B 80 -13.70 -1.23 -12.18
N ALA B 81 -14.90 -0.81 -12.59
CA ALA B 81 -15.81 -0.15 -11.66
C ALA B 81 -16.31 -1.11 -10.59
N SER B 82 -16.33 -2.41 -10.88
CA SER B 82 -16.69 -3.40 -9.87
C SER B 82 -15.43 -3.87 -9.15
N THR B 83 -15.59 -4.19 -7.85
CA THR B 83 -14.46 -4.69 -7.07
C THR B 83 -14.28 -6.20 -7.21
N LEU B 84 -15.36 -6.93 -7.44
CA LEU B 84 -15.26 -8.34 -7.77
C LEU B 84 -14.86 -8.50 -9.23
N SER B 85 -14.22 -9.64 -9.53
CA SER B 85 -13.84 -9.98 -10.88
C SER B 85 -13.72 -11.50 -10.93
N VAL B 86 -13.79 -12.07 -12.13
CA VAL B 86 -13.63 -13.51 -12.27
C VAL B 86 -12.26 -13.98 -11.75
N PRO B 87 -11.15 -13.34 -12.11
CA PRO B 87 -9.87 -13.82 -11.56
C PRO B 87 -9.74 -13.64 -10.06
N ARG B 88 -10.36 -12.60 -9.48
CA ARG B 88 -10.36 -12.48 -8.03
C ARG B 88 -11.02 -13.69 -7.39
N VAL B 89 -12.18 -14.10 -7.90
CA VAL B 89 -12.90 -15.22 -7.30
C VAL B 89 -12.14 -16.51 -7.55
N GLU B 90 -11.60 -16.71 -8.75
CA GLU B 90 -10.87 -17.95 -8.98
C GLU B 90 -9.62 -18.03 -8.11
N LEU B 91 -8.93 -16.89 -7.92
CA LEU B 91 -7.76 -16.88 -7.05
C LEU B 91 -8.17 -17.17 -5.62
N ALA B 92 -9.22 -16.50 -5.15
CA ALA B 92 -9.70 -16.74 -3.79
C ALA B 92 -10.07 -18.20 -3.60
N GLU B 93 -10.76 -18.80 -4.58
CA GLU B 93 -11.12 -20.21 -4.45
C GLU B 93 -9.88 -21.09 -4.41
N ARG B 94 -8.89 -20.81 -5.26
CA ARG B 94 -7.68 -21.62 -5.26
C ARG B 94 -6.97 -21.53 -3.92
N MET B 95 -6.91 -20.33 -3.34
CA MET B 95 -6.19 -20.17 -2.08
C MET B 95 -6.94 -20.80 -0.92
N CYS B 96 -8.27 -20.73 -0.95
CA CYS B 96 -9.04 -21.37 0.12
C CYS B 96 -8.93 -22.89 0.04
N GLU B 97 -8.85 -23.44 -1.16
CA GLU B 97 -8.63 -24.88 -1.27
C GLU B 97 -7.24 -25.27 -0.81
N ARG B 98 -6.26 -24.39 -1.04
CA ARG B 98 -4.84 -24.70 -0.88
C ARG B 98 -4.40 -24.65 0.58
N TYR B 99 -5.02 -23.80 1.40
CA TYR B 99 -4.52 -23.49 2.72
C TYR B 99 -5.55 -23.82 3.78
N GLU B 100 -5.11 -24.52 4.83
CA GLU B 100 -6.03 -24.97 5.88
C GLU B 100 -6.70 -23.79 6.58
N CYS B 101 -5.93 -22.73 6.86
CA CYS B 101 -6.53 -21.62 7.59
C CYS B 101 -7.43 -20.74 6.73
N ALA B 102 -7.35 -20.86 5.40
CA ALA B 102 -8.00 -19.91 4.51
C ALA B 102 -9.46 -20.30 4.32
N GLU B 103 -10.36 -19.58 4.99
CA GLU B 103 -11.79 -19.69 4.74
C GLU B 103 -12.29 -18.56 3.85
N LYS B 104 -11.75 -17.36 4.03
CA LYS B 104 -11.89 -16.29 3.05
C LYS B 104 -10.54 -15.62 2.90
N VAL B 105 -10.38 -14.87 1.81
CA VAL B 105 -9.14 -14.15 1.53
C VAL B 105 -9.49 -12.80 0.90
N VAL B 106 -8.80 -11.75 1.34
CA VAL B 106 -8.91 -10.44 0.71
C VAL B 106 -7.53 -10.00 0.26
N PHE B 107 -7.48 -9.01 -0.63
CA PHE B 107 -6.24 -8.67 -1.31
C PHE B 107 -5.84 -7.22 -1.11
N HIS B 108 -4.54 -6.97 -1.24
CA HIS B 108 -4.07 -5.59 -1.27
C HIS B 108 -2.80 -5.53 -2.12
N LYS B 109 -2.13 -4.40 -2.06
CA LYS B 109 -0.99 -4.15 -2.93
C LYS B 109 0.35 -4.46 -2.29
N THR B 110 0.48 -4.30 -0.97
CA THR B 110 1.77 -4.41 -0.30
C THR B 110 1.63 -5.25 0.96
N GLY B 111 2.73 -5.89 1.36
CA GLY B 111 2.72 -6.62 2.62
C GLY B 111 2.53 -5.70 3.82
N THR B 112 3.08 -4.48 3.75
CA THR B 112 2.84 -3.49 4.79
C THR B 112 1.36 -3.24 5.01
N GLU B 113 0.60 -3.09 3.92
CA GLU B 113 -0.85 -2.92 4.04
CA GLU B 113 -0.84 -2.92 4.08
C GLU B 113 -1.54 -4.22 4.41
N GLY B 114 -1.01 -5.36 3.94
CA GLY B 114 -1.59 -6.64 4.31
C GLY B 114 -1.55 -6.90 5.81
N THR B 115 -0.38 -6.70 6.44
CA THR B 115 -0.35 -6.93 7.89
C THR B 115 -1.17 -5.88 8.64
N ALA B 116 -1.21 -4.65 8.14
CA ALA B 116 -2.10 -3.65 8.73
C ALA B 116 -3.55 -4.10 8.65
N MET B 117 -3.95 -4.69 7.52
CA MET B 117 -5.29 -5.26 7.40
C MET B 117 -5.51 -6.38 8.40
N ALA B 118 -4.54 -7.30 8.52
CA ALA B 118 -4.69 -8.39 9.48
C ALA B 118 -4.97 -7.88 10.88
N VAL B 119 -4.20 -6.87 11.33
CA VAL B 119 -4.38 -6.36 12.68
C VAL B 119 -5.70 -5.63 12.81
N ARG B 120 -6.07 -4.88 11.78
CA ARG B 120 -7.32 -4.14 11.77
C ARG B 120 -8.52 -5.08 11.86
N LEU B 121 -8.47 -6.19 11.10
CA LEU B 121 -9.55 -7.17 11.12
C LEU B 121 -9.61 -7.90 12.44
N ALA B 122 -8.45 -8.28 12.99
CA ALA B 122 -8.44 -8.97 14.28
C ALA B 122 -9.05 -8.09 15.36
N ARG B 123 -8.70 -6.80 15.38
CA ARG B 123 -9.28 -5.90 16.36
C ARG B 123 -10.79 -5.76 16.14
N ALA B 124 -11.20 -5.66 14.87
CA ALA B 124 -12.61 -5.46 14.57
C ALA B 124 -13.44 -6.70 14.91
N ALA B 125 -12.88 -7.89 14.68
CA ALA B 125 -13.59 -9.13 14.98
C ALA B 125 -13.70 -9.37 16.48
N THR B 126 -12.62 -9.12 17.23
CA THR B 126 -12.61 -9.44 18.65
C THR B 126 -13.07 -8.28 19.54
N GLY B 127 -12.99 -7.05 19.05
CA GLY B 127 -13.29 -5.90 19.89
C GLY B 127 -12.27 -5.62 20.95
N ARG B 128 -11.07 -6.18 20.82
CA ARG B 128 -10.00 -6.05 21.81
C ARG B 128 -8.92 -5.11 21.30
N GLU B 129 -8.12 -4.59 22.23
CA GLU B 129 -7.22 -3.47 21.95
C GLU B 129 -5.82 -3.88 21.51
N LEU B 130 -5.20 -4.80 22.21
CA LEU B 130 -3.75 -4.99 22.12
C LEU B 130 -3.40 -6.05 21.09
N VAL B 131 -2.21 -5.90 20.52
CA VAL B 131 -1.63 -6.85 19.57
CA VAL B 131 -1.65 -6.91 19.64
C VAL B 131 -0.21 -7.17 20.04
N LEU B 132 0.15 -8.45 20.10
CA LEU B 132 1.51 -8.86 20.44
C LEU B 132 2.24 -9.21 19.15
N SER B 133 3.47 -8.72 18.99
CA SER B 133 4.16 -8.80 17.71
C SER B 133 5.58 -9.31 17.86
N SER B 134 6.03 -10.12 16.90
CA SER B 134 7.45 -10.40 16.69
C SER B 134 7.74 -10.30 15.20
N GLY B 135 8.81 -9.63 14.84
CA GLY B 135 9.28 -9.58 13.47
C GLY B 135 8.83 -8.33 12.72
N TYR B 136 9.53 -8.06 11.62
CA TYR B 136 9.17 -6.98 10.72
C TYR B 136 7.79 -7.24 10.09
N HIS B 137 6.93 -6.23 10.11
CA HIS B 137 5.65 -6.34 9.41
C HIS B 137 5.43 -5.23 8.39
N GLY B 138 6.37 -4.32 8.23
CA GLY B 138 6.19 -3.21 7.31
C GLY B 138 6.78 -1.93 7.85
N TRP B 139 6.62 -0.83 7.12
CA TRP B 139 7.34 0.40 7.43
C TRP B 139 6.52 1.43 8.21
N HIS B 140 5.29 1.11 8.61
CA HIS B 140 4.57 2.02 9.49
C HIS B 140 5.21 2.02 10.87
N GLU B 141 5.05 3.15 11.58
CA GLU B 141 5.69 3.30 12.88
C GLU B 141 5.27 2.21 13.86
N TRP B 142 3.98 1.85 13.87
CA TRP B 142 3.58 0.85 14.85
C TRP B 142 4.19 -0.50 14.53
N GLN B 143 4.39 -0.79 13.24
CA GLN B 143 5.03 -2.05 12.86
C GLN B 143 6.50 -2.05 13.27
N MET B 144 7.23 -1.01 12.89
CA MET B 144 8.66 -0.94 13.21
C MET B 144 8.89 -0.95 14.72
N ALA B 145 8.08 -0.22 15.49
CA ALA B 145 8.28 -0.23 16.94
C ALA B 145 7.98 -1.60 17.53
N GLY B 146 7.04 -2.33 16.94
CA GLY B 146 6.71 -3.66 17.42
C GLY B 146 7.84 -4.67 17.26
N GLU B 147 8.83 -4.36 16.43
CA GLU B 147 9.99 -5.23 16.32
C GLU B 147 10.86 -5.21 17.57
N GLU B 148 10.78 -4.14 18.34
CA GLU B 148 11.50 -3.99 19.60
C GLU B 148 10.65 -4.52 20.75
N PHE B 149 11.28 -5.23 21.70
CA PHE B 149 10.56 -5.69 22.87
C PHE B 149 10.00 -4.51 23.65
N GLY B 150 8.74 -4.60 24.04
CA GLY B 150 8.13 -3.59 24.88
C GLY B 150 6.80 -3.12 24.34
N TYR B 151 6.14 -2.27 25.14
CA TYR B 151 4.77 -1.85 24.88
C TYR B 151 4.73 -0.37 24.50
N GLN B 152 3.98 -0.05 23.44
CA GLN B 152 3.70 1.33 23.07
C GLN B 152 2.20 1.58 23.21
N GLN B 153 1.82 2.36 24.22
CA GLN B 153 0.40 2.58 24.49
C GLN B 153 -0.28 3.33 23.36
N SER B 154 0.46 4.17 22.62
CA SER B 154 -0.16 4.95 21.57
CA SER B 154 -0.16 4.96 21.56
C SER B 154 -0.56 4.12 20.35
N THR B 155 0.05 2.94 20.17
CA THR B 155 -0.31 2.04 19.08
C THR B 155 -1.03 0.79 19.53
N GLY B 156 -0.99 0.47 20.83
CA GLY B 156 -1.58 -0.76 21.30
C GLY B 156 -0.83 -2.01 20.91
N VAL B 157 0.47 -1.91 20.61
CA VAL B 157 1.28 -3.04 20.17
C VAL B 157 2.33 -3.32 21.25
N VAL B 158 2.50 -4.60 21.60
CA VAL B 158 3.55 -5.07 22.51
CA VAL B 158 3.59 -4.99 22.47
C VAL B 158 4.48 -5.98 21.72
N GLY B 159 5.75 -5.63 21.60
CA GLY B 159 6.69 -6.52 20.94
C GLY B 159 7.18 -7.51 21.98
N PHE B 160 7.24 -8.79 21.59
CA PHE B 160 7.68 -9.81 22.53
C PHE B 160 8.91 -10.57 22.05
N GLY B 161 9.56 -10.10 20.99
CA GLY B 161 10.92 -10.53 20.66
C GLY B 161 11.09 -12.02 20.45
N TYR B 162 10.07 -12.70 19.92
CA TYR B 162 10.09 -14.13 19.65
C TYR B 162 10.26 -14.97 20.91
N ASN B 163 10.02 -14.40 22.08
CA ASN B 163 10.37 -15.03 23.34
C ASN B 163 9.13 -15.71 23.92
N GLU B 164 9.19 -17.05 24.04
CA GLU B 164 7.99 -17.79 24.43
C GLU B 164 7.64 -17.59 25.89
N LYS B 165 8.66 -17.47 26.76
CA LYS B 165 8.39 -17.12 28.16
C LYS B 165 7.63 -15.80 28.24
N ALA B 166 8.04 -14.81 27.47
CA ALA B 166 7.38 -13.51 27.48
C ALA B 166 5.94 -13.63 26.97
N LEU B 167 5.74 -14.32 25.85
CA LEU B 167 4.39 -14.50 25.29
C LEU B 167 3.47 -15.17 26.31
N ALA B 168 3.94 -16.25 26.94
CA ALA B 168 3.12 -16.95 27.93
C ALA B 168 2.74 -16.05 29.08
N LYS B 169 3.69 -15.27 29.59
CA LYS B 169 3.38 -14.40 30.72
C LYS B 169 2.46 -13.26 30.32
N MET B 170 2.65 -12.72 29.10
CA MET B 170 1.74 -11.67 28.63
C MET B 170 0.31 -12.20 28.51
N LEU B 171 0.14 -13.39 27.93
CA LEU B 171 -1.22 -13.92 27.75
C LEU B 171 -1.86 -14.22 29.10
N GLU B 172 -1.08 -14.71 30.06
CA GLU B 172 -1.64 -14.94 31.39
C GLU B 172 -2.01 -13.63 32.07
N ALA B 173 -1.20 -12.59 31.88
CA ALA B 173 -1.39 -11.34 32.62
C ALA B 173 -2.51 -10.48 32.02
N PHE B 174 -2.65 -10.48 30.69
CA PHE B 174 -3.66 -9.60 30.08
C PHE B 174 -4.19 -10.15 28.76
N GLY B 175 -4.21 -11.48 28.60
CA GLY B 175 -4.67 -12.07 27.35
C GLY B 175 -6.08 -11.64 26.95
N GLU B 176 -6.92 -11.33 27.92
CA GLU B 176 -8.29 -10.91 27.63
C GLU B 176 -8.33 -9.58 26.86
N GLN B 177 -7.23 -8.84 26.83
CA GLN B 177 -7.15 -7.59 26.10
C GLN B 177 -6.47 -7.74 24.74
N VAL B 178 -6.12 -8.96 24.32
CA VAL B 178 -5.27 -9.15 23.15
C VAL B 178 -6.13 -9.59 21.97
N ALA B 179 -6.18 -8.74 20.94
CA ALA B 179 -6.92 -9.03 19.72
C ALA B 179 -6.20 -10.02 18.82
N GLY B 180 -4.89 -10.12 18.91
CA GLY B 180 -4.18 -10.99 18.01
C GLY B 180 -2.70 -10.98 18.33
N VAL B 181 -2.05 -12.06 17.89
CA VAL B 181 -0.60 -12.21 17.95
C VAL B 181 -0.13 -12.36 16.52
N ILE B 182 0.80 -11.51 16.08
CA ILE B 182 1.24 -11.52 14.70
C ILE B 182 2.76 -11.67 14.65
N VAL B 183 3.23 -12.69 13.95
CA VAL B 183 4.60 -13.17 14.04
C VAL B 183 5.13 -13.46 12.65
N SER B 184 6.29 -12.87 12.31
CA SER B 184 6.96 -13.19 11.07
C SER B 184 7.89 -14.36 11.37
N PRO B 185 7.64 -15.54 10.81
CA PRO B 185 8.41 -16.72 11.24
C PRO B 185 9.89 -16.57 10.92
N GLU B 186 10.70 -16.85 11.92
CA GLU B 186 12.14 -16.93 11.81
C GLU B 186 12.51 -18.39 12.01
N VAL B 187 13.07 -19.02 10.99
CA VAL B 187 13.22 -20.46 11.02
C VAL B 187 14.68 -20.88 10.90
N LEU B 188 15.62 -19.95 11.12
CA LEU B 188 17.01 -20.33 11.32
C LEU B 188 17.27 -20.66 12.79
N TYR B 189 16.80 -19.80 13.69
CA TYR B 189 17.02 -19.94 15.12
C TYR B 189 15.94 -20.77 15.81
N PHE B 190 14.78 -20.92 15.18
CA PHE B 190 13.65 -21.64 15.75
C PHE B 190 13.21 -22.71 14.77
N ASP B 191 12.63 -23.79 15.30
CA ASP B 191 12.08 -24.85 14.48
C ASP B 191 10.56 -24.71 14.42
N LEU B 192 9.91 -25.61 13.67
CA LEU B 192 8.48 -25.47 13.47
C LEU B 192 7.71 -25.65 14.77
N ASP B 193 8.21 -26.51 15.67
CA ASP B 193 7.55 -26.71 16.96
C ASP B 193 7.46 -25.42 17.75
N HIS B 194 8.44 -24.52 17.60
CA HIS B 194 8.36 -23.23 18.27
C HIS B 194 7.08 -22.49 17.89
N TYR B 195 6.74 -22.51 16.60
CA TYR B 195 5.53 -21.83 16.16
C TYR B 195 4.27 -22.65 16.45
N ARG B 196 4.37 -23.98 16.44
CA ARG B 196 3.24 -24.80 16.88
C ARG B 196 2.88 -24.51 18.33
N ARG B 197 3.88 -24.33 19.20
CA ARG B 197 3.61 -24.03 20.60
C ARG B 197 3.03 -22.62 20.76
N MET B 198 3.57 -21.65 20.02
CA MET B 198 2.99 -20.32 19.96
C MET B 198 1.51 -20.37 19.60
N SER B 199 1.20 -21.08 18.52
CA SER B 199 -0.18 -21.14 18.05
C SER B 199 -1.08 -21.79 19.10
N ALA B 200 -0.60 -22.88 19.71
CA ALA B 200 -1.38 -23.57 20.74
C ALA B 200 -1.61 -22.67 21.96
N LEU B 201 -0.57 -21.95 22.39
CA LEU B 201 -0.73 -20.99 23.48
C LEU B 201 -1.82 -19.98 23.15
N CYS B 202 -1.83 -19.45 21.93
CA CYS B 202 -2.81 -18.46 21.55
C CYS B 202 -4.21 -19.03 21.57
N ALA B 203 -4.37 -20.25 21.06
CA ALA B 203 -5.68 -20.89 21.07
C ALA B 203 -6.17 -21.11 22.49
N ARG B 204 -5.26 -21.48 23.40
CA ARG B 204 -5.63 -21.70 24.79
C ARG B 204 -6.30 -20.45 25.39
N TYR B 205 -5.88 -19.26 24.97
CA TYR B 205 -6.41 -18.01 25.47
C TYR B 205 -7.43 -17.36 24.53
N ASP B 206 -7.90 -18.08 23.51
CA ASP B 206 -8.88 -17.56 22.56
C ASP B 206 -8.37 -16.27 21.94
N VAL B 207 -7.13 -16.30 21.48
CA VAL B 207 -6.47 -15.16 20.87
C VAL B 207 -6.08 -15.56 19.45
N PRO B 208 -6.52 -14.82 18.43
CA PRO B 208 -6.12 -15.13 17.06
C PRO B 208 -4.61 -15.16 16.89
N PHE B 209 -4.11 -16.20 16.23
CA PHE B 209 -2.70 -16.34 15.89
C PHE B 209 -2.55 -16.05 14.40
N MET B 210 -1.70 -15.09 14.06
CA MET B 210 -1.58 -14.59 12.69
C MET B 210 -0.13 -14.71 12.24
N LEU B 211 0.09 -15.46 11.18
CA LEU B 211 1.44 -15.61 10.65
C LEU B 211 1.63 -14.56 9.57
N ASP B 212 2.62 -13.68 9.76
CA ASP B 212 3.05 -12.77 8.70
C ASP B 212 4.03 -13.56 7.84
N GLU B 213 3.52 -14.15 6.76
CA GLU B 213 4.33 -14.91 5.81
C GLU B 213 4.60 -14.10 4.55
N VAL B 214 4.67 -12.78 4.68
CA VAL B 214 4.97 -11.97 3.49
C VAL B 214 6.34 -12.37 2.93
N TYR B 215 7.27 -12.77 3.79
CA TYR B 215 8.57 -13.25 3.34
C TYR B 215 8.63 -14.77 3.21
N THR B 216 8.14 -15.50 4.21
CA THR B 216 8.28 -16.95 4.22
C THR B 216 7.27 -17.68 3.36
N GLY B 217 6.24 -16.99 2.83
CA GLY B 217 5.08 -17.68 2.26
C GLY B 217 5.44 -18.70 1.20
N PHE B 218 6.45 -18.43 0.38
CA PHE B 218 6.83 -19.33 -0.69
C PHE B 218 8.27 -19.80 -0.58
N ARG B 219 8.98 -19.46 0.50
CA ARG B 219 10.37 -19.82 0.63
C ARG B 219 10.66 -20.72 1.83
N ALA B 220 9.79 -20.75 2.85
CA ALA B 220 9.92 -21.80 3.86
C ALA B 220 9.45 -23.13 3.30
N GLY B 221 8.52 -23.08 2.35
CA GLY B 221 7.96 -24.24 1.68
C GLY B 221 6.97 -23.72 0.65
N PRO B 222 6.41 -24.62 -0.17
CA PRO B 222 5.47 -24.16 -1.22
C PRO B 222 4.17 -23.63 -0.65
N LYS B 223 3.85 -23.96 0.60
CA LYS B 223 2.67 -23.44 1.27
C LYS B 223 3.08 -22.71 2.54
N GLY B 224 4.32 -22.22 2.58
CA GLY B 224 4.84 -21.48 3.72
C GLY B 224 4.97 -22.30 5.00
N VAL B 225 5.28 -21.59 6.08
CA VAL B 225 5.33 -22.20 7.41
C VAL B 225 3.97 -22.79 7.77
N HIS B 226 2.89 -22.07 7.48
CA HIS B 226 1.55 -22.61 7.75
C HIS B 226 1.38 -23.99 7.13
N GLY B 227 1.79 -24.13 5.87
CA GLY B 227 1.62 -25.39 5.16
C GLY B 227 2.49 -26.51 5.66
N LEU B 228 3.60 -26.18 6.33
CA LEU B 228 4.43 -27.18 6.98
C LEU B 228 3.81 -27.69 8.28
N GLY B 229 2.62 -27.22 8.62
CA GLY B 229 1.91 -27.79 9.74
C GLY B 229 1.88 -26.90 10.96
N VAL B 230 1.73 -25.60 10.76
CA VAL B 230 1.58 -24.66 11.88
C VAL B 230 0.18 -24.07 11.78
N PRO B 231 -0.75 -24.43 12.66
CA PRO B 231 -2.10 -23.87 12.60
C PRO B 231 -2.08 -22.36 12.84
N ALA B 232 -2.98 -21.67 12.17
CA ALA B 232 -3.10 -20.23 12.35
C ALA B 232 -4.52 -19.80 12.00
N ASP B 233 -4.89 -18.63 12.48
CA ASP B 233 -6.19 -18.04 12.17
C ASP B 233 -6.13 -17.05 11.03
N VAL B 234 -4.96 -16.45 10.78
CA VAL B 234 -4.75 -15.53 9.67
C VAL B 234 -3.36 -15.78 9.13
N VAL B 235 -3.20 -15.75 7.81
CA VAL B 235 -1.88 -15.75 7.17
C VAL B 235 -1.85 -14.59 6.17
N VAL B 236 -0.77 -13.80 6.22
CA VAL B 236 -0.53 -12.72 5.26
C VAL B 236 0.54 -13.17 4.28
N LEU B 237 0.30 -12.97 2.98
CA LEU B 237 1.24 -13.32 1.92
C LEU B 237 1.55 -12.06 1.12
N GLY B 238 2.73 -12.04 0.49
CA GLY B 238 3.07 -10.89 -0.31
C GLY B 238 4.23 -11.13 -1.25
N LYS B 239 5.44 -11.28 -0.71
CA LYS B 239 6.60 -11.42 -1.59
C LYS B 239 6.50 -12.73 -2.35
N GLY B 240 6.68 -12.66 -3.68
CA GLY B 240 6.54 -13.83 -4.55
C GLY B 240 5.13 -14.15 -5.01
N LEU B 241 4.09 -13.57 -4.39
CA LEU B 241 2.72 -14.04 -4.62
C LEU B 241 2.32 -13.90 -6.08
N ALA B 242 2.74 -12.80 -6.72
CA ALA B 242 2.50 -12.59 -8.14
C ALA B 242 3.83 -12.46 -8.89
N ASN B 243 4.87 -13.11 -8.33
CA ASN B 243 6.20 -13.21 -8.95
C ASN B 243 6.73 -11.85 -9.40
N GLY B 244 6.59 -10.84 -8.54
CA GLY B 244 7.16 -9.54 -8.75
C GLY B 244 6.14 -8.46 -9.01
N HIS B 245 4.96 -8.84 -9.51
CA HIS B 245 3.86 -7.90 -9.63
C HIS B 245 3.25 -7.65 -8.25
N SER B 246 2.78 -6.43 -8.02
N SER B 246 2.75 -6.43 -8.05
CA SER B 246 2.40 -6.02 -6.67
CA SER B 246 2.31 -5.98 -6.73
C SER B 246 1.07 -6.66 -6.30
C SER B 246 1.02 -6.69 -6.33
N LEU B 247 1.10 -7.54 -5.31
CA LEU B 247 -0.09 -8.16 -4.74
C LEU B 247 0.27 -8.67 -3.36
N ALA B 248 -0.68 -8.57 -2.45
CA ALA B 248 -0.61 -9.17 -1.12
C ALA B 248 -1.98 -9.77 -0.81
N ALA B 249 -2.01 -10.68 0.16
CA ALA B 249 -3.24 -11.37 0.51
C ALA B 249 -3.31 -11.57 2.02
N VAL B 250 -4.52 -11.47 2.56
CA VAL B 250 -4.84 -11.80 3.94
C VAL B 250 -5.90 -12.90 3.91
N MET B 251 -5.51 -14.11 4.28
CA MET B 251 -6.44 -15.23 4.28
C MET B 251 -6.59 -15.74 5.70
N GLY B 252 -7.78 -16.20 6.05
CA GLY B 252 -7.96 -16.72 7.39
C GLY B 252 -9.39 -17.07 7.74
N ARG B 253 -9.64 -17.11 9.05
CA ARG B 253 -10.92 -17.53 9.61
C ARG B 253 -12.06 -16.64 9.13
N ARG B 254 -13.20 -17.26 8.82
CA ARG B 254 -14.31 -16.55 8.16
C ARG B 254 -14.73 -15.28 8.91
N ASP B 255 -14.90 -15.37 10.23
CA ASP B 255 -15.39 -14.20 10.97
C ASP B 255 -14.36 -13.08 11.02
N ILE B 256 -13.07 -13.40 10.98
CA ILE B 256 -12.08 -12.34 10.97
C ILE B 256 -12.12 -11.61 9.63
N ILE B 257 -12.15 -12.37 8.53
CA ILE B 257 -12.18 -11.70 7.24
C ILE B 257 -13.48 -10.93 7.07
N ASP B 258 -14.59 -11.49 7.58
CA ASP B 258 -15.86 -10.82 7.42
C ASP B 258 -15.98 -9.55 8.26
N ALA B 259 -14.98 -9.22 9.08
CA ALA B 259 -14.97 -7.92 9.74
C ALA B 259 -14.56 -6.78 8.82
N TYR B 260 -14.32 -7.07 7.53
CA TYR B 260 -13.86 -6.06 6.59
C TYR B 260 -14.78 -4.84 6.55
N ASP B 261 -16.09 -5.06 6.46
CA ASP B 261 -17.00 -3.93 6.34
C ASP B 261 -16.91 -3.01 7.56
N VAL B 262 -17.03 -3.58 8.77
CA VAL B 262 -17.02 -2.71 9.96
C VAL B 262 -15.65 -2.09 10.21
N SER B 263 -14.58 -2.69 9.67
CA SER B 263 -13.23 -2.20 9.93
C SER B 263 -12.93 -0.91 9.17
N GLY B 264 -13.62 -0.66 8.05
CA GLY B 264 -13.31 0.49 7.22
C GLY B 264 -12.15 0.33 6.27
N ILE B 265 -11.60 -0.88 6.14
CA ILE B 265 -10.54 -1.11 5.17
C ILE B 265 -11.07 -0.83 3.77
N GLN B 266 -10.21 -0.29 2.91
CA GLN B 266 -10.55 -0.21 1.50
C GLN B 266 -9.27 0.01 0.69
N GLY B 267 -9.40 0.65 -0.46
CA GLY B 267 -8.26 0.87 -1.32
C GLY B 267 -8.63 0.73 -2.79
N THR B 268 -8.35 1.79 -3.55
CA THR B 268 -8.66 1.86 -4.97
C THR B 268 -8.15 0.66 -5.74
N TYR B 269 -6.88 0.30 -5.53
CA TYR B 269 -6.23 -0.71 -6.33
C TYR B 269 -6.35 -2.13 -5.77
N THR B 270 -7.04 -2.33 -4.64
CA THR B 270 -7.20 -3.70 -4.13
C THR B 270 -7.87 -4.60 -5.15
N ARG B 271 -8.72 -4.03 -6.01
CA ARG B 271 -9.48 -4.78 -7.01
C ARG B 271 -8.69 -5.06 -8.29
N GLU B 272 -7.49 -4.50 -8.40
CA GLU B 272 -6.70 -4.60 -9.63
C GLU B 272 -6.55 -6.06 -10.06
N VAL B 273 -6.94 -6.36 -11.32
CA VAL B 273 -7.14 -7.75 -11.74
C VAL B 273 -5.87 -8.41 -12.26
N PRO B 274 -5.05 -7.77 -13.09
CA PRO B 274 -3.89 -8.49 -13.71
C PRO B 274 -3.01 -9.22 -12.70
N PRO B 275 -2.63 -8.61 -11.56
CA PRO B 275 -1.78 -9.38 -10.63
C PRO B 275 -2.49 -10.58 -10.01
N MET B 276 -3.82 -10.58 -9.97
CA MET B 276 -4.51 -11.79 -9.50
C MET B 276 -4.41 -12.91 -10.52
N ALA B 277 -4.49 -12.58 -11.81
CA ALA B 277 -4.25 -13.59 -12.84
C ALA B 277 -2.81 -14.10 -12.75
N ALA B 278 -1.86 -13.21 -12.44
CA ALA B 278 -0.47 -13.64 -12.28
C ALA B 278 -0.32 -14.63 -11.11
N ALA B 279 -0.93 -14.32 -9.97
CA ALA B 279 -0.80 -15.19 -8.80
C ALA B 279 -1.41 -16.57 -9.06
N LEU B 280 -2.54 -16.62 -9.77
CA LEU B 280 -3.08 -17.93 -10.16
C LEU B 280 -2.04 -18.73 -10.94
N ALA B 281 -1.34 -18.06 -11.87
CA ALA B 281 -0.28 -18.74 -12.62
C ALA B 281 0.85 -19.19 -11.70
N VAL B 282 1.21 -18.35 -10.73
CA VAL B 282 2.28 -18.72 -9.80
C VAL B 282 1.91 -20.00 -9.06
N PHE B 283 0.68 -20.07 -8.53
CA PHE B 283 0.27 -21.27 -7.81
C PHE B 283 0.32 -22.50 -8.69
N GLU B 284 -0.10 -22.37 -9.96
CA GLU B 284 -0.06 -23.51 -10.86
C GLU B 284 1.36 -24.02 -11.07
N VAL B 285 2.32 -23.10 -11.18
CA VAL B 285 3.73 -23.51 -11.35
C VAL B 285 4.24 -24.19 -10.10
N LEU B 286 3.97 -23.59 -8.93
CA LEU B 286 4.46 -24.12 -7.67
C LEU B 286 3.93 -25.51 -7.39
N ASP B 287 2.75 -25.84 -7.92
CA ASP B 287 2.10 -27.12 -7.68
C ASP B 287 2.36 -28.11 -8.80
N THR B 288 3.21 -27.76 -9.75
CA THR B 288 3.63 -28.70 -10.79
C THR B 288 4.67 -29.65 -10.22
N PRO B 289 4.50 -30.96 -10.39
CA PRO B 289 5.41 -31.91 -9.74
C PRO B 289 6.86 -31.63 -10.10
N GLY B 290 7.71 -31.61 -9.08
CA GLY B 290 9.14 -31.45 -9.27
C GLY B 290 9.66 -30.03 -9.25
N VAL B 291 8.81 -29.03 -9.48
CA VAL B 291 9.31 -27.67 -9.66
C VAL B 291 9.88 -27.13 -8.35
N TYR B 292 9.10 -27.22 -7.28
CA TYR B 292 9.60 -26.70 -6.01
C TYR B 292 10.76 -27.52 -5.49
N GLU B 293 10.70 -28.83 -5.69
CA GLU B 293 11.80 -29.68 -5.25
C GLU B 293 13.09 -29.30 -5.97
N HIS B 294 13.00 -29.03 -7.27
CA HIS B 294 14.18 -28.61 -8.02
C HIS B 294 14.72 -27.29 -7.50
N ALA B 295 13.83 -26.33 -7.21
CA ALA B 295 14.27 -25.06 -6.65
C ALA B 295 15.02 -25.26 -5.34
N GLU B 296 14.47 -26.08 -4.44
CA GLU B 296 15.16 -26.34 -3.17
C GLU B 296 16.50 -27.03 -3.40
N ALA B 297 16.57 -27.91 -4.41
CA ALA B 297 17.84 -28.56 -4.69
C ALA B 297 18.89 -27.55 -5.12
N MET B 298 18.48 -26.52 -5.85
CA MET B 298 19.44 -25.48 -6.24
C MET B 298 19.85 -24.64 -5.05
N GLY B 299 18.89 -24.33 -4.17
CA GLY B 299 19.23 -23.64 -2.93
C GLY B 299 20.21 -24.41 -2.07
N ARG B 300 19.97 -25.72 -1.89
CA ARG B 300 20.91 -26.54 -1.13
C ARG B 300 22.29 -26.57 -1.80
N ARG B 301 22.33 -26.67 -3.13
CA ARG B 301 23.62 -26.70 -3.81
C ARG B 301 24.40 -25.42 -3.54
N LEU B 302 23.71 -24.29 -3.55
CA LEU B 302 24.36 -23.02 -3.25
C LEU B 302 24.79 -22.95 -1.80
N ALA B 303 23.88 -23.27 -0.87
CA ALA B 303 24.20 -23.21 0.55
C ALA B 303 25.37 -24.12 0.88
N ASP B 304 25.34 -25.36 0.40
CA ASP B 304 26.43 -26.28 0.68
C ASP B 304 27.75 -25.74 0.13
N GLY B 305 27.72 -25.16 -1.07
CA GLY B 305 28.94 -24.63 -1.64
C GLY B 305 29.48 -23.46 -0.86
N MET B 306 28.60 -22.54 -0.44
CA MET B 306 29.04 -21.37 0.30
C MET B 306 29.60 -21.76 1.66
N ARG B 307 28.93 -22.69 2.34
CA ARG B 307 29.42 -23.17 3.63
C ARG B 307 30.82 -23.74 3.51
N GLU B 308 31.08 -24.55 2.48
CA GLU B 308 32.38 -25.17 2.35
C GLU B 308 33.46 -24.16 1.96
N ILE B 309 33.10 -23.14 1.18
CA ILE B 309 34.07 -22.10 0.85
C ILE B 309 34.48 -21.35 2.11
N LEU B 310 33.48 -20.94 2.91
CA LEU B 310 33.79 -20.24 4.15
C LEU B 310 34.60 -21.11 5.11
N THR B 311 34.17 -22.36 5.30
CA THR B 311 34.92 -23.23 6.21
C THR B 311 36.32 -23.49 5.69
N GLY B 312 36.46 -23.64 4.37
CA GLY B 312 37.79 -23.85 3.80
C GLY B 312 38.72 -22.69 4.03
N GLU B 313 38.18 -21.46 4.12
CA GLU B 313 38.98 -20.28 4.46
C GLU B 313 39.20 -20.15 5.96
N GLY B 314 38.66 -21.07 6.76
CA GLY B 314 38.82 -20.97 8.19
C GLY B 314 37.96 -19.89 8.82
N ILE B 315 36.98 -19.39 8.10
CA ILE B 315 36.10 -18.32 8.62
C ILE B 315 35.00 -18.98 9.46
N PRO B 316 34.86 -18.62 10.73
CA PRO B 316 33.72 -19.14 11.50
C PRO B 316 32.40 -18.76 10.85
N ASN B 317 31.52 -19.73 10.70
CA ASN B 317 30.32 -19.47 9.92
C ASN B 317 29.20 -20.42 10.34
N TRP B 318 27.98 -20.01 10.02
CA TRP B 318 26.79 -20.85 10.19
C TRP B 318 25.91 -20.59 8.99
N VAL B 319 25.70 -21.63 8.18
CA VAL B 319 24.84 -21.53 7.00
C VAL B 319 23.67 -22.46 7.22
N GLY B 320 22.48 -21.90 7.33
CA GLY B 320 21.36 -22.76 7.66
C GLY B 320 20.05 -22.10 7.32
N GLY B 321 18.97 -22.83 7.60
CA GLY B 321 17.64 -22.38 7.27
C GLY B 321 17.10 -23.08 6.03
N PRO B 322 15.88 -22.73 5.62
CA PRO B 322 15.30 -23.38 4.44
C PRO B 322 16.12 -23.12 3.19
N ALA B 323 16.09 -24.09 2.26
CA ALA B 323 16.91 -24.00 1.04
C ALA B 323 16.62 -22.73 0.24
N LEU B 324 15.38 -22.24 0.22
CA LEU B 324 15.03 -21.05 -0.54
C LEU B 324 15.10 -19.76 0.28
N MET B 325 15.62 -19.82 1.51
CA MET B 325 15.87 -18.61 2.29
C MET B 325 16.86 -18.92 3.39
N PHE B 326 18.08 -19.27 3.01
CA PHE B 326 19.09 -19.68 3.98
C PHE B 326 19.97 -18.50 4.34
N ASP B 327 20.43 -18.49 5.59
CA ASP B 327 21.24 -17.42 6.14
C ASP B 327 22.70 -17.82 6.15
N VAL B 328 23.57 -16.87 5.84
CA VAL B 328 25.00 -17.03 5.96
C VAL B 328 25.41 -16.13 7.13
N VAL B 329 25.63 -16.73 8.30
CA VAL B 329 25.93 -15.98 9.50
C VAL B 329 27.43 -15.97 9.72
N LEU B 330 27.99 -14.78 9.91
CA LEU B 330 29.43 -14.59 9.93
C LEU B 330 29.87 -13.99 11.26
N PRO B 331 31.18 -13.93 11.57
CA PRO B 331 31.58 -13.49 12.92
C PRO B 331 31.34 -12.02 13.19
N ASN B 332 31.13 -11.22 12.15
CA ASN B 332 30.90 -9.78 12.32
C ASN B 332 30.08 -9.31 11.14
N ASP B 333 29.61 -8.06 11.23
CA ASP B 333 28.72 -7.50 10.23
C ASP B 333 29.46 -6.77 9.11
N ASP B 334 30.78 -6.81 9.10
CA ASP B 334 31.53 -6.17 8.03
C ASP B 334 31.93 -7.13 6.93
N LEU B 335 32.19 -8.39 7.27
CA LEU B 335 32.81 -9.32 6.32
C LEU B 335 31.87 -9.63 5.17
N GLY B 336 30.61 -9.93 5.47
CA GLY B 336 29.67 -10.30 4.43
C GLY B 336 29.52 -9.22 3.38
N TRP B 337 29.26 -7.98 3.83
CA TRP B 337 29.08 -6.90 2.87
C TRP B 337 30.30 -6.73 1.97
N GLU B 338 31.51 -6.87 2.54
CA GLU B 338 32.70 -6.73 1.72
C GLU B 338 32.80 -7.85 0.69
N ILE B 339 32.47 -9.08 1.10
CA ILE B 339 32.52 -10.20 0.15
C ILE B 339 31.50 -10.00 -0.96
N TYR B 340 30.28 -9.63 -0.57
CA TYR B 340 29.20 -9.50 -1.53
C TYR B 340 29.42 -8.33 -2.48
N LYS B 341 29.92 -7.20 -1.98
CA LYS B 341 30.32 -6.09 -2.84
C LYS B 341 31.35 -6.52 -3.87
N THR B 342 32.33 -7.31 -3.44
CA THR B 342 33.36 -7.75 -4.35
C THR B 342 32.81 -8.72 -5.38
N ALA B 343 31.90 -9.61 -4.97
CA ALA B 343 31.34 -10.58 -5.88
C ALA B 343 30.56 -9.93 -7.02
N HIS B 344 30.05 -8.71 -6.82
CA HIS B 344 29.39 -7.98 -7.91
C HIS B 344 30.33 -7.80 -9.10
N ASP B 345 31.61 -7.55 -8.83
CA ASP B 345 32.60 -7.49 -9.90
C ASP B 345 32.71 -8.81 -10.66
N PHE B 346 32.24 -9.92 -10.08
CA PHE B 346 32.36 -11.23 -10.70
C PHE B 346 31.01 -11.75 -11.19
N GLY B 347 30.02 -10.88 -11.32
CA GLY B 347 28.78 -11.23 -11.99
C GLY B 347 27.73 -11.88 -11.13
N VAL B 348 27.62 -11.51 -9.86
CA VAL B 348 26.56 -12.01 -8.99
C VAL B 348 26.03 -10.86 -8.15
N TYR B 349 24.72 -10.87 -7.90
CA TYR B 349 24.06 -10.04 -6.90
C TYR B 349 23.74 -10.95 -5.71
N PHE B 350 24.68 -11.07 -4.77
CA PHE B 350 24.31 -11.74 -3.53
C PHE B 350 23.41 -10.84 -2.68
N GLU B 351 22.57 -11.46 -1.84
CA GLU B 351 21.78 -10.70 -0.89
C GLU B 351 22.68 -10.22 0.23
N ASP B 352 22.87 -8.90 0.33
CA ASP B 352 23.92 -8.40 1.20
C ASP B 352 23.57 -8.51 2.68
N SER B 353 22.31 -8.76 3.02
CA SER B 353 21.98 -9.02 4.41
C SER B 353 22.27 -10.46 4.82
N GLY B 354 22.63 -11.32 3.86
CA GLY B 354 23.07 -12.66 4.18
C GLY B 354 22.04 -13.75 3.99
N THR B 355 20.79 -13.41 3.65
CA THR B 355 19.79 -14.43 3.35
C THR B 355 19.71 -14.59 1.84
N GLN B 356 20.28 -15.68 1.30
CA GLN B 356 20.34 -15.88 -0.14
C GLN B 356 19.06 -16.54 -0.66
N LEU B 357 18.62 -16.11 -1.85
CA LEU B 357 17.26 -16.36 -2.33
C LEU B 357 17.30 -16.88 -3.78
N VAL B 358 17.48 -18.20 -3.94
CA VAL B 358 17.38 -18.81 -5.26
C VAL B 358 15.92 -18.74 -5.76
N THR B 359 15.75 -18.79 -7.08
CA THR B 359 14.43 -18.88 -7.68
C THR B 359 14.28 -20.17 -8.46
N ALA B 360 13.05 -20.47 -8.87
CA ALA B 360 12.78 -21.73 -9.55
C ALA B 360 13.47 -21.84 -10.90
N ALA B 361 13.86 -20.71 -11.51
CA ALA B 361 14.53 -20.73 -12.80
C ALA B 361 15.99 -21.12 -12.72
N PHE B 362 16.56 -21.24 -11.53
CA PHE B 362 17.97 -21.56 -11.40
C PHE B 362 18.26 -22.95 -11.95
N ASP B 363 19.42 -23.08 -12.59
CA ASP B 363 19.98 -24.37 -12.93
C ASP B 363 21.35 -24.50 -12.25
N GLU B 364 21.97 -25.67 -12.40
CA GLU B 364 23.26 -25.89 -11.76
C GLU B 364 24.31 -24.89 -12.26
N ALA B 365 24.24 -24.50 -13.54
CA ALA B 365 25.20 -23.55 -14.07
C ALA B 365 25.11 -22.21 -13.37
N ALA B 366 23.89 -21.72 -13.14
CA ALA B 366 23.69 -20.46 -12.41
C ALA B 366 24.26 -20.55 -11.00
N VAL B 367 23.93 -21.63 -10.27
CA VAL B 367 24.48 -21.82 -8.92
C VAL B 367 25.99 -21.84 -8.96
N ASP B 368 26.56 -22.64 -9.87
CA ASP B 368 28.01 -22.79 -9.90
C ASP B 368 28.70 -21.50 -10.32
N HIS B 369 28.05 -20.69 -11.16
CA HIS B 369 28.59 -19.37 -11.46
C HIS B 369 28.67 -18.52 -10.19
N ALA B 370 27.64 -18.57 -9.36
CA ALA B 370 27.65 -17.79 -8.13
C ALA B 370 28.68 -18.34 -7.14
N LEU B 371 28.86 -19.66 -7.11
CA LEU B 371 29.85 -20.24 -6.20
C LEU B 371 31.27 -19.87 -6.61
N THR B 372 31.55 -19.89 -7.92
CA THR B 372 32.86 -19.47 -8.38
C THR B 372 33.14 -18.02 -7.99
N ALA B 373 32.15 -17.16 -8.18
CA ALA B 373 32.29 -15.75 -7.77
C ALA B 373 32.48 -15.63 -6.26
N PHE B 374 31.70 -16.37 -5.48
CA PHE B 374 31.84 -16.32 -4.04
C PHE B 374 33.25 -16.76 -3.60
N ARG B 375 33.78 -17.82 -4.21
CA ARG B 375 35.11 -18.26 -3.84
C ARG B 375 36.14 -17.18 -4.14
N LYS B 376 36.09 -16.61 -5.35
CA LYS B 376 37.08 -15.61 -5.74
C LYS B 376 36.94 -14.35 -4.89
N ALA B 377 35.71 -13.92 -4.63
CA ALA B 377 35.48 -12.73 -3.83
C ALA B 377 35.93 -12.92 -2.38
N THR B 378 35.57 -14.06 -1.78
CA THR B 378 36.01 -14.33 -0.41
C THR B 378 37.53 -14.36 -0.34
N ARG B 379 38.17 -15.02 -1.31
CA ARG B 379 39.63 -15.07 -1.36
C ARG B 379 40.24 -13.67 -1.46
N GLN B 380 39.66 -12.82 -2.31
CA GLN B 380 40.20 -11.48 -2.48
C GLN B 380 40.04 -10.65 -1.20
N VAL B 381 38.86 -10.72 -0.58
CA VAL B 381 38.62 -9.92 0.63
C VAL B 381 39.56 -10.36 1.75
N VAL B 382 39.75 -11.67 1.92
CA VAL B 382 40.60 -12.14 3.00
C VAL B 382 42.06 -11.80 2.73
N ALA B 383 42.49 -11.91 1.48
CA ALA B 383 43.87 -11.56 1.16
C ALA B 383 44.12 -10.07 1.35
N ASP B 384 43.13 -9.24 0.99
CA ASP B 384 43.31 -7.79 1.04
C ASP B 384 43.04 -7.23 2.43
N ARG B 385 42.16 -7.85 3.20
CA ARG B 385 41.73 -7.34 4.50
C ARG B 385 41.73 -8.45 5.53
N PRO B 386 42.91 -8.95 5.92
CA PRO B 386 42.94 -10.04 6.92
C PRO B 386 42.27 -9.68 8.23
N ASP B 387 42.29 -8.41 8.63
CA ASP B 387 41.68 -7.98 9.89
C ASP B 387 40.17 -8.12 9.88
N ILE B 388 39.57 -8.20 8.69
CA ILE B 388 38.12 -8.24 8.55
C ILE B 388 37.54 -9.57 8.97
N ALA B 389 38.36 -10.60 9.01
CA ALA B 389 37.87 -11.95 9.04
C ALA B 389 38.79 -12.81 9.88
N PRO B 390 38.30 -13.37 10.98
CA PRO B 390 39.05 -14.47 11.61
C PRO B 390 39.14 -15.61 10.61
N THR B 391 40.32 -16.23 10.55
CA THR B 391 40.58 -17.32 9.61
C THR B 391 41.15 -18.53 10.33
N SER B 392 40.90 -18.65 11.63
CA SER B 392 41.53 -19.67 12.46
C SER B 392 40.84 -21.02 12.39
N GLY B 393 39.69 -21.12 11.73
CA GLY B 393 38.96 -22.36 11.65
C GLY B 393 37.99 -22.62 12.78
N GLY B 394 37.79 -21.64 13.66
CA GLY B 394 36.89 -21.84 14.79
C GLY B 394 35.44 -21.77 14.37
N GLU B 395 34.57 -21.86 15.37
CA GLU B 395 33.13 -21.76 15.20
C GLU B 395 32.64 -20.41 15.72
N LEU B 396 31.43 -20.02 15.28
CA LEU B 396 30.80 -18.81 15.82
C LEU B 396 30.59 -18.96 17.31
N THR B 397 30.87 -17.89 18.05
CA THR B 397 30.62 -17.94 19.48
C THR B 397 29.12 -17.93 19.75
N GLU B 398 28.73 -18.46 20.91
CA GLU B 398 27.34 -18.36 21.31
C GLU B 398 26.93 -16.91 21.47
N GLU B 399 27.85 -16.08 21.98
CA GLU B 399 27.57 -14.65 22.13
C GLU B 399 27.24 -14.02 20.79
N ARG B 400 28.05 -14.32 19.76
CA ARG B 400 27.78 -13.76 18.44
C ARG B 400 26.43 -14.23 17.90
N LYS B 401 26.13 -15.51 18.06
CA LYS B 401 24.85 -16.01 17.54
C LYS B 401 23.69 -15.35 18.27
N LEU B 402 23.79 -15.20 19.59
CA LEU B 402 22.68 -14.60 20.33
C LEU B 402 22.57 -13.11 20.04
N ASP B 403 23.71 -12.42 19.94
CA ASP B 403 23.70 -11.00 19.58
C ASP B 403 23.11 -10.80 18.18
N PHE B 404 23.49 -11.66 17.23
CA PHE B 404 22.99 -11.52 15.87
C PHE B 404 21.47 -11.66 15.82
N ALA B 405 20.91 -12.60 16.58
CA ALA B 405 19.46 -12.76 16.59
C ALA B 405 18.78 -11.49 17.05
N GLU B 406 19.30 -10.84 18.11
CA GLU B 406 18.68 -9.61 18.60
C GLU B 406 18.81 -8.49 17.59
N GLU B 407 20.00 -8.35 17.00
CA GLU B 407 20.23 -7.28 16.02
C GLU B 407 19.44 -7.51 14.75
N ALA B 408 19.40 -8.76 14.27
CA ALA B 408 18.88 -9.03 12.94
C ALA B 408 17.35 -9.01 12.93
N PHE B 409 16.71 -9.56 13.97
CA PHE B 409 15.24 -9.62 13.95
C PHE B 409 14.62 -9.34 15.31
N GLY B 410 15.38 -8.77 16.25
CA GLY B 410 14.78 -8.46 17.53
C GLY B 410 14.51 -9.67 18.39
N GLY B 411 15.17 -10.80 18.10
CA GLY B 411 14.94 -12.01 18.87
C GLY B 411 15.67 -11.92 20.19
N LEU B 412 14.93 -12.11 21.30
CA LEU B 412 15.49 -12.13 22.65
C LEU B 412 15.57 -13.59 23.07
N LEU B 413 16.70 -14.23 22.76
CA LEU B 413 16.83 -15.67 22.93
C LEU B 413 17.54 -16.05 24.23
N ARG B 414 18.03 -15.08 25.00
CA ARG B 414 18.70 -15.37 26.24
C ARG B 414 17.69 -15.46 27.37
N ASP B 415 18.03 -16.27 28.37
CA ASP B 415 17.27 -16.26 29.62
C ASP B 415 18.13 -15.61 30.70
N ASP B 416 18.56 -14.37 30.48
CA ASP B 416 19.46 -13.71 31.39
C ASP B 416 18.75 -12.62 32.19
N GLU B 417 19.53 -11.84 32.94
CA GLU B 417 18.96 -10.83 33.81
C GLU B 417 18.32 -9.71 33.00
N ARG B 418 19.01 -9.23 31.97
CA ARG B 418 18.46 -8.16 31.13
C ARG B 418 17.14 -8.58 30.50
N THR B 419 17.09 -9.79 29.93
CA THR B 419 15.89 -10.18 29.21
C THR B 419 14.72 -10.36 30.16
N ASN B 420 14.96 -10.99 31.31
CA ASN B 420 13.87 -11.16 32.24
CA ASN B 420 13.89 -11.16 32.27
C ASN B 420 13.43 -9.82 32.83
N ALA B 421 14.36 -8.88 33.02
CA ALA B 421 13.95 -7.55 33.46
C ALA B 421 13.06 -6.89 32.43
N LEU B 422 13.37 -7.07 31.14
CA LEU B 422 12.51 -6.49 30.10
C LEU B 422 11.11 -7.08 30.16
N ILE B 423 11.01 -8.40 30.37
CA ILE B 423 9.70 -9.04 30.45
C ILE B 423 8.90 -8.44 31.61
N ASP B 424 9.53 -8.33 32.78
CA ASP B 424 8.84 -7.79 33.96
C ASP B 424 8.40 -6.36 33.72
N GLU B 425 9.31 -5.55 33.18
CA GLU B 425 9.01 -4.14 32.94
C GLU B 425 7.82 -3.98 32.01
N THR B 426 7.78 -4.79 30.95
CA THR B 426 6.74 -4.66 29.95
C THR B 426 5.39 -5.12 30.48
N ILE B 427 5.34 -6.25 31.19
CA ILE B 427 4.06 -6.69 31.73
C ILE B 427 3.53 -5.66 32.74
N GLU B 428 4.41 -5.14 33.60
CA GLU B 428 3.94 -4.17 34.58
C GLU B 428 3.44 -2.90 33.89
N LYS B 429 4.10 -2.48 32.82
CA LYS B 429 3.66 -1.27 32.14
C LYS B 429 2.28 -1.45 31.51
N VAL B 430 2.01 -2.64 30.95
CA VAL B 430 0.68 -2.89 30.39
C VAL B 430 -0.36 -2.99 31.49
N VAL B 431 -0.11 -3.79 32.51
CA VAL B 431 -1.14 -4.05 33.52
C VAL B 431 -1.46 -2.77 34.29
N ASN B 432 -0.48 -1.89 34.47
CA ASN B 432 -0.61 -0.73 35.34
C ASN B 432 -0.99 0.54 34.59
N ARG B 433 -1.27 0.44 33.30
CA ARG B 433 -1.44 1.63 32.48
C ARG B 433 -2.76 2.33 32.79
N ASP B 434 -2.85 3.59 32.35
CA ASP B 434 -4.10 4.35 32.34
C ASP B 434 -4.98 3.80 31.23
N ARG B 435 -6.01 3.03 31.60
CA ARG B 435 -6.84 2.37 30.60
C ARG B 435 -7.70 3.34 29.81
N SER B 436 -7.85 4.58 30.28
CA SER B 436 -8.64 5.56 29.54
C SER B 436 -7.95 6.03 28.27
N ILE B 437 -6.66 5.74 28.11
CA ILE B 437 -5.89 6.18 26.95
C ILE B 437 -5.66 4.97 26.07
N LYS B 438 -6.31 4.96 24.90
CA LYS B 438 -6.21 3.91 23.89
C LYS B 438 -5.71 4.50 22.58
N PRO B 439 -5.21 3.67 21.66
CA PRO B 439 -4.96 4.15 20.30
C PRO B 439 -6.28 4.52 19.63
N VAL B 440 -6.18 5.26 18.53
CA VAL B 440 -7.35 5.49 17.69
C VAL B 440 -7.68 4.19 16.96
N LEU B 441 -8.88 3.67 17.20
CA LEU B 441 -9.31 2.41 16.60
C LEU B 441 -10.61 2.59 15.81
N PHE B 442 -10.76 1.82 14.74
CA PHE B 442 -12.00 1.79 13.96
C PHE B 442 -12.41 0.34 13.74
N PRO B 443 -13.54 -0.11 14.27
CA PRO B 443 -14.44 0.73 15.08
C PRO B 443 -13.90 1.07 16.47
N ALA B 444 -14.41 2.16 17.02
CA ALA B 444 -13.99 2.61 18.34
C ALA B 444 -14.24 1.53 19.38
N GLN B 445 -13.30 1.43 20.33
CA GLN B 445 -13.46 0.64 21.55
C GLN B 445 -13.35 1.51 22.79
N ASN B 446 -12.94 2.77 22.62
CA ASN B 446 -12.93 3.84 23.63
C ASN B 446 -11.94 3.65 24.77
N1 PLP C . -6.60 10.56 -0.60
C2 PLP C . -7.66 10.91 -1.40
C2A PLP C . -8.06 12.34 -1.51
C3 PLP C . -8.32 9.90 -2.07
O3 PLP C . -9.38 10.27 -2.86
C4 PLP C . -7.94 8.57 -1.94
C4A PLP C . -8.62 7.50 -2.74
C5 PLP C . -6.88 8.25 -1.13
C6 PLP C . -6.21 9.26 -0.47
C5A PLP C . -6.40 6.81 -0.92
O4P PLP C . -5.95 6.23 -2.10
P PLP C . -5.95 4.62 -2.23
O1P PLP C . -7.40 4.20 -2.42
O2P PLP C . -5.16 4.30 -3.47
O3P PLP C . -5.34 4.01 -0.98
N1 PLP D . 6.29 -8.54 6.52
C2 PLP D . 7.41 -9.26 6.21
C2A PLP D . 7.70 -10.45 7.06
C3 PLP D . 8.19 -8.87 5.15
O3 PLP D . 9.33 -9.58 4.83
C4 PLP D . 7.84 -7.76 4.40
C4A PLP D . 8.58 -7.49 3.11
C5 PLP D . 6.71 -7.04 4.73
C6 PLP D . 5.94 -7.43 5.79
C5A PLP D . 6.29 -5.78 3.98
O4P PLP D . 5.87 -6.01 2.67
P PLP D . 6.00 -4.82 1.59
O1P PLP D . 5.33 -3.59 2.17
O2P PLP D . 7.50 -4.61 1.35
O3P PLP D . 5.35 -5.29 0.30
#